data_4YRP
#
_entry.id   4YRP
#
_cell.length_a   90.182
_cell.length_b   119.174
_cell.length_c   94.341
_cell.angle_alpha   90.000
_cell.angle_beta   91.360
_cell.angle_gamma   90.000
#
_symmetry.space_group_name_H-M   'C 1 2 1'
#
loop_
_entity.id
_entity.type
_entity.pdbx_description
1 polymer 'Histidyl-tRNA synthetase'
2 non-polymer HISTIDINE
3 non-polymer 1-(4-BROMOPHENYL)METHANAMINE
4 non-polymer 'DIMETHYL SULFOXIDE'
5 non-polymer 1,2-ETHANEDIOL
6 non-polymer 'SULFATE ION'
7 water water
#
_entity_poly.entity_id   1
_entity_poly.type   'polypeptide(L)'
_entity_poly.pdbx_seq_one_letter_code
;MAHHHHHHMGTLEAQTQGPGSMQKNMVETEPVQGCRDFPPEAMRCRRHLFDVFHATAKTFGFEEYDAPVLESEELYIRKA
GEEITEQMFNFITKGGHRVALRPEMTPSLARLLLGKGRSLLLPAKWYSIPQCWRYEAITRGRRREHYQWNMDIVGVKSVS
AEVELVCAACWAMRSLGLSSKDVGIKVNSRKVLQTVVEQAGVTSDKFAPVCVIVDKMEKIPREEVEAQLAVLGLEPTVVD
AITTTLSLKSIDEIAQRVGEEHEAVKELRQFFEQVEAYGYGDWVLFDASVVRGLAYYTGIVFEGFDREGKFRALCGGGRY
DNLLTTYGSPTPIPCAGFGFGDCVIVELLQEKRLLPDIPHVVDDVVIPFDESMRPHALAVLRRLRDAGRSADIILDKKKV
VQAFNYADRVGAVRAVLVAPEEWERGEVQVKMLREGTGKEEGGAERGFAVPLDRLV
;
_entity_poly.pdbx_strand_id   A,B
#
loop_
_chem_comp.id
_chem_comp.type
_chem_comp.name
_chem_comp.formula
DMS non-polymer 'DIMETHYL SULFOXIDE' 'C2 H6 O S'
EDO non-polymer 1,2-ETHANEDIOL 'C2 H6 O2'
PZH non-polymer 1-(4-BROMOPHENYL)METHANAMINE 'C7 H8 Br N'
SO4 non-polymer 'SULFATE ION' 'O4 S -2'
#
# COMPACT_ATOMS: atom_id res chain seq x y z
N MET A 26 -59.34 -10.35 -42.07
CA MET A 26 -58.38 -10.33 -40.93
C MET A 26 -58.21 -8.92 -40.37
N VAL A 27 -58.09 -8.82 -39.05
CA VAL A 27 -57.63 -7.59 -38.42
C VAL A 27 -56.15 -7.42 -38.78
N GLU A 28 -55.61 -6.23 -38.61
CA GLU A 28 -54.21 -5.99 -38.87
C GLU A 28 -53.40 -6.63 -37.73
N THR A 29 -52.49 -7.53 -38.08
CA THR A 29 -51.66 -8.22 -37.08
C THR A 29 -50.40 -7.44 -36.74
N GLU A 30 -49.97 -6.55 -37.64
CA GLU A 30 -48.82 -5.69 -37.34
C GLU A 30 -49.22 -4.65 -36.28
N PRO A 31 -48.27 -4.25 -35.44
CA PRO A 31 -48.54 -3.18 -34.49
C PRO A 31 -48.62 -1.81 -35.17
N VAL A 32 -49.17 -0.85 -34.44
CA VAL A 32 -49.20 0.54 -34.89
C VAL A 32 -47.79 0.99 -35.28
N GLN A 33 -47.74 1.84 -36.29
CA GLN A 33 -46.50 2.33 -36.91
C GLN A 33 -45.42 2.71 -35.89
N GLY A 34 -44.25 2.07 -36.03
CA GLY A 34 -43.08 2.39 -35.20
C GLY A 34 -43.10 1.87 -33.77
N CYS A 35 -44.02 0.96 -33.48
CA CYS A 35 -44.15 0.39 -32.14
C CYS A 35 -43.85 -1.10 -32.16
N ARG A 36 -43.30 -1.62 -31.07
CA ARG A 36 -42.88 -3.02 -31.00
C ARG A 36 -43.83 -3.88 -30.16
N ASP A 37 -44.08 -5.08 -30.68
CA ASP A 37 -44.70 -6.16 -29.94
C ASP A 37 -43.60 -6.92 -29.18
N PHE A 38 -43.95 -7.46 -28.02
CA PHE A 38 -43.03 -8.31 -27.25
C PHE A 38 -43.68 -9.66 -26.94
N PRO A 39 -43.75 -10.56 -27.94
CA PRO A 39 -44.13 -11.94 -27.62
C PRO A 39 -43.08 -12.54 -26.71
N PRO A 40 -43.34 -13.73 -26.13
CA PRO A 40 -42.48 -14.26 -25.06
C PRO A 40 -40.99 -14.25 -25.36
N GLU A 41 -40.62 -14.66 -26.57
CA GLU A 41 -39.21 -14.68 -26.99
C GLU A 41 -38.57 -13.30 -26.85
N ALA A 42 -39.20 -12.30 -27.47
CA ALA A 42 -38.75 -10.93 -27.38
C ALA A 42 -38.86 -10.39 -25.96
N MET A 43 -39.89 -10.80 -25.21
CA MET A 43 -40.01 -10.34 -23.82
C MET A 43 -38.89 -10.83 -22.91
N ARG A 44 -38.37 -12.03 -23.16
CA ARG A 44 -37.30 -12.55 -22.31
C ARG A 44 -36.02 -11.73 -22.45
N CYS A 45 -35.78 -11.20 -23.64
CA CYS A 45 -34.61 -10.36 -23.91
C CYS A 45 -34.74 -9.00 -23.21
N ARG A 46 -35.89 -8.37 -23.38
CA ARG A 46 -36.23 -7.15 -22.63
C ARG A 46 -36.09 -7.34 -21.12
N ARG A 47 -36.60 -8.47 -20.62
CA ARG A 47 -36.58 -8.81 -19.20
C ARG A 47 -35.15 -8.99 -18.69
N HIS A 48 -34.33 -9.66 -19.47
CA HIS A 48 -32.90 -9.82 -19.16
C HIS A 48 -32.22 -8.44 -19.03
N LEU A 49 -32.59 -7.50 -19.87
CA LEU A 49 -32.04 -6.16 -19.82
C LEU A 49 -32.57 -5.43 -18.58
N PHE A 50 -33.88 -5.43 -18.39
CA PHE A 50 -34.48 -4.70 -17.27
C PHE A 50 -34.04 -5.29 -15.93
N ASP A 51 -33.82 -6.60 -15.86
CA ASP A 51 -33.30 -7.19 -14.64
C ASP A 51 -31.98 -6.54 -14.24
N VAL A 52 -31.12 -6.28 -15.22
CA VAL A 52 -29.87 -5.61 -14.92
C VAL A 52 -30.11 -4.19 -14.44
N PHE A 53 -30.98 -3.43 -15.11
CA PHE A 53 -31.28 -2.05 -14.71
C PHE A 53 -31.79 -1.98 -13.28
N HIS A 54 -32.74 -2.85 -12.95
CA HIS A 54 -33.25 -2.97 -11.59
C HIS A 54 -32.20 -3.38 -10.58
N ALA A 55 -31.42 -4.39 -10.93
CA ALA A 55 -30.42 -4.91 -10.00
C ALA A 55 -29.34 -3.85 -9.77
N THR A 56 -28.92 -3.17 -10.82
CA THR A 56 -27.94 -2.08 -10.72
C THR A 56 -28.44 -0.92 -9.85
N ALA A 57 -29.70 -0.55 -10.03
CA ALA A 57 -30.32 0.48 -9.19
C ALA A 57 -30.31 0.08 -7.71
N LYS A 58 -30.65 -1.17 -7.45
CA LYS A 58 -30.67 -1.71 -6.08
C LYS A 58 -29.27 -1.73 -5.49
N THR A 59 -28.32 -2.21 -6.26
CA THR A 59 -26.93 -2.22 -5.86
C THR A 59 -26.44 -0.81 -5.49
N PHE A 60 -26.92 0.19 -6.22
CA PHE A 60 -26.48 1.59 -6.01
C PHE A 60 -27.39 2.38 -5.05
N GLY A 61 -28.45 1.74 -4.56
CA GLY A 61 -29.32 2.35 -3.56
C GLY A 61 -30.33 3.37 -4.07
N PHE A 62 -30.72 3.25 -5.34
CA PHE A 62 -31.72 4.13 -5.96
C PHE A 62 -33.13 3.56 -5.71
N GLU A 63 -34.12 4.43 -5.58
CA GLU A 63 -35.51 4.02 -5.33
C GLU A 63 -36.35 4.16 -6.58
N GLU A 64 -37.23 3.20 -6.81
CA GLU A 64 -38.07 3.24 -7.97
C GLU A 64 -39.22 4.24 -7.85
N TYR A 65 -39.56 4.87 -8.98
CA TYR A 65 -40.73 5.70 -9.10
C TYR A 65 -41.32 5.55 -10.49
N ASP A 66 -42.50 6.13 -10.68
CA ASP A 66 -43.15 6.12 -11.99
C ASP A 66 -44.13 7.28 -12.03
N ALA A 67 -44.56 7.62 -13.22
CA ALA A 67 -45.52 8.70 -13.41
C ALA A 67 -46.24 8.44 -14.73
N PRO A 68 -47.31 9.20 -15.01
CA PRO A 68 -48.11 8.85 -16.18
C PRO A 68 -47.36 9.12 -17.47
N VAL A 69 -47.55 8.23 -18.45
CA VAL A 69 -46.97 8.39 -19.78
C VAL A 69 -47.56 9.63 -20.48
N LEU A 70 -48.79 9.96 -20.11
CA LEU A 70 -49.50 11.14 -20.57
C LEU A 70 -49.20 12.32 -19.64
N GLU A 71 -48.57 13.37 -20.17
CA GLU A 71 -48.29 14.59 -19.43
C GLU A 71 -48.82 15.80 -20.19
N SER A 72 -48.94 16.93 -19.52
CA SER A 72 -49.31 18.20 -20.18
C SER A 72 -48.19 18.61 -21.12
N GLU A 73 -48.56 19.11 -22.30
CA GLU A 73 -47.61 19.58 -23.31
C GLU A 73 -46.76 20.74 -22.77
N GLU A 74 -47.34 21.56 -21.92
CA GLU A 74 -46.64 22.69 -21.29
C GLU A 74 -45.35 22.28 -20.60
N LEU A 75 -45.29 21.03 -20.17
CA LEU A 75 -44.14 20.51 -19.44
C LEU A 75 -42.87 20.53 -20.31
N TYR A 76 -43.03 20.44 -21.62
CA TYR A 76 -41.90 20.31 -22.55
C TYR A 76 -41.56 21.55 -23.39
N ILE A 77 -42.26 22.65 -23.17
CA ILE A 77 -42.04 23.86 -23.96
C ILE A 77 -40.83 24.63 -23.41
N ARG A 78 -39.64 24.28 -23.89
CA ARG A 78 -38.40 24.91 -23.41
C ARG A 78 -37.81 25.95 -24.35
N LYS A 79 -38.26 25.95 -25.60
CA LYS A 79 -37.95 27.03 -26.56
C LYS A 79 -36.47 27.19 -26.91
N ALA A 80 -35.73 26.08 -26.96
CA ALA A 80 -34.31 26.11 -27.35
C ALA A 80 -34.04 25.42 -28.69
N GLY A 81 -35.09 25.03 -29.39
CA GLY A 81 -34.96 24.27 -30.65
C GLY A 81 -34.41 22.85 -30.46
N GLU A 82 -34.71 22.24 -29.31
CA GLU A 82 -34.27 20.86 -29.07
C GLU A 82 -34.89 19.88 -30.04
N GLU A 83 -34.13 18.84 -30.37
CA GLU A 83 -34.60 17.76 -31.21
C GLU A 83 -35.78 17.06 -30.53
N ILE A 84 -35.68 16.94 -29.21
CA ILE A 84 -36.68 16.22 -28.42
C ILE A 84 -38.05 16.93 -28.41
N THR A 85 -38.05 18.26 -28.38
CA THR A 85 -39.29 19.04 -28.41
C THR A 85 -39.81 19.23 -29.85
N GLU A 86 -38.90 19.14 -30.81
CA GLU A 86 -39.27 19.09 -32.22
C GLU A 86 -40.04 17.81 -32.59
N GLN A 87 -39.75 16.71 -31.90
CA GLN A 87 -40.29 15.41 -32.27
C GLN A 87 -41.27 14.87 -31.21
N MET A 88 -42.05 15.77 -30.62
CA MET A 88 -43.06 15.40 -29.62
C MET A 88 -44.27 14.68 -30.24
N PHE A 89 -44.70 13.61 -29.58
CA PHE A 89 -45.94 12.89 -29.91
C PHE A 89 -47.05 13.53 -29.11
N ASN A 90 -47.66 14.57 -29.65
CA ASN A 90 -48.67 15.32 -28.89
C ASN A 90 -50.03 15.25 -29.56
N PHE A 91 -51.08 15.47 -28.76
CA PHE A 91 -52.44 15.51 -29.28
C PHE A 91 -53.37 16.26 -28.34
N ILE A 92 -54.55 16.59 -28.86
CA ILE A 92 -55.54 17.36 -28.12
C ILE A 92 -56.64 16.40 -27.65
N THR A 93 -56.90 16.41 -26.35
CA THR A 93 -57.93 15.58 -25.74
C THR A 93 -59.32 16.02 -26.22
N LYS A 94 -60.28 15.10 -26.16
CA LYS A 94 -61.69 15.42 -26.45
C LYS A 94 -62.25 16.22 -25.28
N GLY A 95 -62.03 17.54 -25.31
CA GLY A 95 -62.04 18.40 -24.12
C GLY A 95 -61.11 19.59 -24.24
N GLY A 96 -60.13 19.48 -25.14
CA GLY A 96 -59.33 20.62 -25.58
C GLY A 96 -58.07 20.89 -24.79
N HIS A 97 -57.54 19.86 -24.14
CA HIS A 97 -56.29 20.00 -23.37
C HIS A 97 -55.09 19.50 -24.18
N ARG A 98 -54.02 20.29 -24.18
CA ARG A 98 -52.81 19.96 -24.93
C ARG A 98 -51.97 18.99 -24.08
N VAL A 99 -51.94 17.72 -24.49
CA VAL A 99 -51.18 16.69 -23.77
C VAL A 99 -50.14 16.05 -24.71
N ALA A 100 -49.29 15.22 -24.14
CA ALA A 100 -48.29 14.52 -24.92
C ALA A 100 -47.92 13.19 -24.27
N LEU A 101 -47.58 12.21 -25.10
CA LEU A 101 -46.86 11.04 -24.63
C LEU A 101 -45.42 11.47 -24.42
N ARG A 102 -44.96 11.34 -23.18
CA ARG A 102 -43.70 11.90 -22.76
C ARG A 102 -42.57 11.52 -23.74
N PRO A 103 -41.76 12.49 -24.16
CA PRO A 103 -40.55 12.19 -24.92
C PRO A 103 -39.37 11.81 -24.04
N GLU A 104 -39.45 12.16 -22.76
CA GLU A 104 -38.41 11.87 -21.80
C GLU A 104 -39.04 11.91 -20.42
N MET A 105 -38.29 11.46 -19.42
CA MET A 105 -38.80 11.35 -18.07
C MET A 105 -38.43 12.52 -17.18
N THR A 106 -37.35 13.22 -17.51
CA THR A 106 -36.76 14.17 -16.56
C THR A 106 -37.73 15.25 -16.12
N PRO A 107 -38.55 15.78 -17.04
CA PRO A 107 -39.54 16.79 -16.62
C PRO A 107 -40.63 16.25 -15.69
N SER A 108 -41.00 14.98 -15.88
CA SER A 108 -41.93 14.32 -14.96
C SER A 108 -41.32 14.21 -13.56
N LEU A 109 -40.07 13.79 -13.50
CA LEU A 109 -39.30 13.76 -12.24
C LEU A 109 -39.32 15.12 -11.57
N ALA A 110 -39.01 16.17 -12.33
CA ALA A 110 -38.97 17.51 -11.74
C ALA A 110 -40.34 17.91 -11.18
N ARG A 111 -41.40 17.53 -11.89
CA ARG A 111 -42.77 17.82 -11.44
C ARG A 111 -43.03 17.17 -10.10
N LEU A 112 -42.72 15.88 -10.01
CA LEU A 112 -42.85 15.15 -8.75
C LEU A 112 -42.01 15.80 -7.66
N LEU A 113 -40.75 16.12 -7.97
CA LEU A 113 -39.85 16.74 -6.98
C LEU A 113 -40.42 18.07 -6.50
N LEU A 114 -40.87 18.90 -7.44
CA LEU A 114 -41.47 20.19 -7.12
C LEU A 114 -42.77 20.03 -6.34
N GLY A 115 -43.52 18.97 -6.64
CA GLY A 115 -44.74 18.66 -5.91
C GLY A 115 -44.48 18.35 -4.44
N LYS A 116 -43.43 17.58 -4.17
CA LYS A 116 -43.08 17.27 -2.79
C LYS A 116 -42.55 18.49 -2.05
N GLY A 117 -41.71 19.27 -2.72
CA GLY A 117 -41.14 20.49 -2.13
C GLY A 117 -40.35 20.18 -0.87
N ARG A 118 -40.80 20.73 0.25
CA ARG A 118 -40.07 20.67 1.50
C ARG A 118 -40.10 19.30 2.17
N SER A 119 -41.15 18.53 1.90
CA SER A 119 -41.31 17.19 2.45
C SER A 119 -40.29 16.17 1.91
N LEU A 120 -39.65 16.44 0.77
CA LEU A 120 -38.69 15.47 0.22
C LEU A 120 -37.36 15.57 0.94
N LEU A 121 -36.92 14.45 1.50
CA LEU A 121 -35.66 14.38 2.22
C LEU A 121 -34.55 14.19 1.20
N LEU A 122 -33.50 14.99 1.36
CA LEU A 122 -32.39 15.03 0.41
C LEU A 122 -31.12 14.59 1.13
N PRO A 123 -30.22 13.87 0.44
CA PRO A 123 -30.32 13.57 -0.99
C PRO A 123 -31.34 12.48 -1.34
N ALA A 124 -31.84 12.50 -2.58
CA ALA A 124 -32.72 11.47 -3.09
C ALA A 124 -32.14 10.88 -4.36
N LYS A 125 -32.20 9.56 -4.49
CA LYS A 125 -31.70 8.85 -5.66
C LYS A 125 -32.86 8.02 -6.20
N TRP A 126 -33.43 8.47 -7.32
CA TRP A 126 -34.65 7.89 -7.86
C TRP A 126 -34.40 7.32 -9.24
N TYR A 127 -35.01 6.17 -9.56
CA TYR A 127 -34.88 5.58 -10.88
C TYR A 127 -36.21 5.08 -11.40
N SER A 128 -36.27 4.89 -12.71
CA SER A 128 -37.48 4.37 -13.36
CA SER A 128 -37.46 4.41 -13.36
C SER A 128 -37.08 3.81 -14.71
N ILE A 129 -37.99 3.05 -15.33
CA ILE A 129 -37.77 2.48 -16.65
C ILE A 129 -38.98 2.76 -17.54
N PRO A 130 -39.28 4.04 -17.77
CA PRO A 130 -40.43 4.45 -18.58
C PRO A 130 -40.29 4.19 -20.08
N GLN A 131 -41.40 3.85 -20.72
CA GLN A 131 -41.50 3.94 -22.16
C GLN A 131 -41.66 5.42 -22.51
N CYS A 132 -40.86 5.88 -23.47
CA CYS A 132 -40.96 7.24 -23.95
C CYS A 132 -41.20 7.26 -25.44
N TRP A 133 -41.75 8.36 -25.91
CA TRP A 133 -42.35 8.42 -27.24
C TRP A 133 -41.81 9.57 -28.10
N ARG A 134 -41.95 9.42 -29.40
CA ARG A 134 -41.61 10.47 -30.34
C ARG A 134 -42.43 10.30 -31.61
N TYR A 135 -42.59 11.39 -32.33
CA TYR A 135 -43.23 11.41 -33.63
C TYR A 135 -42.31 12.18 -34.60
N GLU A 136 -41.94 11.56 -35.71
CA GLU A 136 -41.01 12.18 -36.68
C GLU A 136 -41.69 12.54 -37.99
N ARG A 142 -37.22 5.44 -37.58
CA ARG A 142 -38.40 4.60 -37.79
C ARG A 142 -39.17 4.39 -36.48
N ARG A 143 -38.46 4.02 -35.41
CA ARG A 143 -39.07 3.76 -34.11
C ARG A 143 -39.69 5.02 -33.49
N ARG A 144 -40.91 4.88 -32.97
CA ARG A 144 -41.61 5.98 -32.31
C ARG A 144 -41.69 5.79 -30.80
N GLU A 145 -40.96 4.80 -30.32
CA GLU A 145 -41.18 4.34 -28.97
C GLU A 145 -39.94 3.59 -28.50
N HIS A 146 -39.50 3.87 -27.28
CA HIS A 146 -38.44 3.08 -26.66
C HIS A 146 -38.61 3.08 -25.15
N TYR A 147 -37.93 2.16 -24.48
CA TYR A 147 -37.81 2.19 -23.03
C TYR A 147 -36.48 2.83 -22.66
N GLN A 148 -36.49 3.57 -21.57
CA GLN A 148 -35.33 4.32 -21.18
C GLN A 148 -35.16 4.28 -19.68
N TRP A 149 -34.12 3.61 -19.24
CA TRP A 149 -33.75 3.58 -17.84
C TRP A 149 -33.30 4.96 -17.44
N ASN A 150 -33.92 5.51 -16.41
CA ASN A 150 -33.54 6.80 -15.87
C ASN A 150 -33.01 6.62 -14.48
N MET A 151 -31.87 7.27 -14.22
CA MET A 151 -31.27 7.31 -12.89
C MET A 151 -30.95 8.77 -12.62
N ASP A 152 -31.41 9.30 -11.48
CA ASP A 152 -31.13 10.69 -11.13
C ASP A 152 -30.80 10.84 -9.65
N ILE A 153 -29.85 11.73 -9.36
CA ILE A 153 -29.51 12.10 -7.99
C ILE A 153 -29.89 13.55 -7.72
N VAL A 154 -30.61 13.78 -6.63
CA VAL A 154 -31.19 15.08 -6.30
C VAL A 154 -30.65 15.58 -4.97
N GLY A 155 -30.20 16.83 -4.94
CA GLY A 155 -29.71 17.45 -3.70
C GLY A 155 -28.23 17.32 -3.39
N VAL A 156 -27.43 16.89 -4.37
CA VAL A 156 -26.00 16.72 -4.22
C VAL A 156 -25.30 17.70 -5.16
N LYS A 157 -24.60 18.64 -4.54
CA LYS A 157 -23.90 19.69 -5.26
C LYS A 157 -22.65 19.21 -5.96
N SER A 158 -21.96 18.27 -5.34
CA SER A 158 -20.60 17.90 -5.77
C SER A 158 -20.59 16.79 -6.84
N VAL A 159 -19.45 16.69 -7.53
CA VAL A 159 -19.25 15.75 -8.63
C VAL A 159 -19.37 14.27 -8.25
N SER A 160 -19.36 13.97 -6.96
CA SER A 160 -19.64 12.59 -6.52
C SER A 160 -20.96 12.05 -7.11
N ALA A 161 -21.95 12.92 -7.32
CA ALA A 161 -23.20 12.52 -7.97
C ALA A 161 -22.94 12.00 -9.37
N GLU A 162 -22.19 12.78 -10.15
CA GLU A 162 -21.84 12.37 -11.51
C GLU A 162 -20.99 11.10 -11.54
N VAL A 163 -20.06 10.99 -10.59
CA VAL A 163 -19.26 9.79 -10.44
C VAL A 163 -20.17 8.55 -10.28
N GLU A 164 -21.02 8.58 -9.28
CA GLU A 164 -21.93 7.46 -9.03
C GLU A 164 -22.79 7.11 -10.26
N LEU A 165 -23.34 8.13 -10.90
CA LEU A 165 -24.18 7.95 -12.07
C LEU A 165 -23.43 7.25 -13.20
N VAL A 166 -22.23 7.75 -13.51
CA VAL A 166 -21.37 7.14 -14.51
C VAL A 166 -20.96 5.72 -14.13
N CYS A 167 -20.57 5.53 -12.86
CA CYS A 167 -20.25 4.20 -12.38
C CYS A 167 -21.45 3.25 -12.49
N ALA A 168 -22.66 3.73 -12.21
CA ALA A 168 -23.87 2.91 -12.36
C ALA A 168 -24.08 2.45 -13.80
N ALA A 169 -23.84 3.33 -14.75
CA ALA A 169 -24.00 2.98 -16.16
C ALA A 169 -22.96 1.94 -16.59
N CYS A 170 -21.72 2.09 -16.13
CA CYS A 170 -20.69 1.12 -16.41
C CYS A 170 -21.03 -0.25 -15.80
N TRP A 171 -21.46 -0.23 -14.54
CA TRP A 171 -21.90 -1.43 -13.80
C TRP A 171 -22.96 -2.23 -14.58
N ALA A 172 -23.95 -1.54 -15.12
CA ALA A 172 -25.00 -2.17 -15.92
C ALA A 172 -24.42 -2.85 -17.14
N MET A 173 -23.54 -2.14 -17.86
CA MET A 173 -22.91 -2.70 -19.05
C MET A 173 -22.02 -3.89 -18.71
N ARG A 174 -21.24 -3.76 -17.65
CA ARG A 174 -20.43 -4.86 -17.15
C ARG A 174 -21.28 -6.09 -16.80
N SER A 175 -22.43 -5.84 -16.16
CA SER A 175 -23.34 -6.90 -15.74
C SER A 175 -23.88 -7.68 -16.93
N LEU A 176 -24.10 -6.99 -18.05
CA LEU A 176 -24.56 -7.61 -19.29
C LEU A 176 -23.46 -8.38 -20.06
N GLY A 177 -22.23 -8.34 -19.57
CA GLY A 177 -21.11 -9.05 -20.18
C GLY A 177 -20.10 -8.17 -20.94
N LEU A 178 -20.34 -6.87 -21.04
CA LEU A 178 -19.41 -5.98 -21.76
C LEU A 178 -18.20 -5.62 -20.90
N SER A 179 -17.09 -5.26 -21.55
CA SER A 179 -15.87 -4.82 -20.86
C SER A 179 -15.46 -3.40 -21.27
N SER A 180 -14.43 -2.88 -20.62
CA SER A 180 -13.92 -1.55 -20.97
C SER A 180 -13.24 -1.56 -22.34
N LYS A 181 -12.89 -2.74 -22.85
CA LYS A 181 -12.47 -2.88 -24.23
C LYS A 181 -13.63 -2.70 -25.24
N ASP A 182 -14.86 -2.97 -24.80
CA ASP A 182 -16.01 -2.86 -25.70
C ASP A 182 -16.63 -1.47 -25.72
N VAL A 183 -16.68 -0.83 -24.55
CA VAL A 183 -17.41 0.40 -24.37
C VAL A 183 -16.65 1.38 -23.51
N GLY A 184 -17.08 2.64 -23.56
CA GLY A 184 -16.61 3.67 -22.65
C GLY A 184 -17.62 4.79 -22.45
N ILE A 185 -17.30 5.72 -21.55
CA ILE A 185 -18.11 6.90 -21.30
C ILE A 185 -17.24 8.15 -21.57
N LYS A 186 -17.65 8.95 -22.54
CA LYS A 186 -17.01 10.23 -22.84
C LYS A 186 -17.54 11.27 -21.87
N VAL A 187 -16.64 12.03 -21.24
CA VAL A 187 -17.02 12.98 -20.18
C VAL A 187 -16.50 14.40 -20.47
N ASN A 188 -17.35 15.39 -20.23
CA ASN A 188 -17.01 16.80 -20.46
C ASN A 188 -17.78 17.68 -19.46
N SER A 189 -17.45 18.96 -19.39
CA SER A 189 -18.28 19.95 -18.70
C SER A 189 -18.69 21.07 -19.63
N ARG A 190 -19.97 21.45 -19.58
CA ARG A 190 -20.48 22.60 -20.32
C ARG A 190 -19.96 23.96 -19.80
N LYS A 191 -19.38 23.97 -18.59
CA LYS A 191 -18.84 25.20 -18.01
C LYS A 191 -17.69 25.81 -18.80
N VAL A 192 -16.91 24.96 -19.47
CA VAL A 192 -15.83 25.43 -20.33
C VAL A 192 -16.43 26.28 -21.46
N LEU A 193 -17.38 25.70 -22.19
CA LEU A 193 -18.04 26.40 -23.29
C LEU A 193 -18.77 27.65 -22.81
N GLN A 194 -19.35 27.58 -21.62
CA GLN A 194 -20.04 28.72 -21.01
C GLN A 194 -19.12 29.92 -20.85
N THR A 195 -17.95 29.68 -20.25
CA THR A 195 -16.96 30.74 -20.07
C THR A 195 -16.54 31.36 -21.40
N VAL A 196 -16.30 30.53 -22.42
CA VAL A 196 -15.92 31.03 -23.75
C VAL A 196 -17.02 31.91 -24.33
N VAL A 197 -18.24 31.38 -24.35
CA VAL A 197 -19.42 32.10 -24.83
C VAL A 197 -19.63 33.39 -24.04
N GLU A 198 -19.51 33.30 -22.72
CA GLU A 198 -19.69 34.45 -21.83
C GLU A 198 -18.65 35.56 -22.04
N GLN A 199 -17.40 35.18 -22.30
CA GLN A 199 -16.33 36.15 -22.57
C GLN A 199 -16.52 36.92 -23.88
N ALA A 200 -17.33 36.38 -24.78
CA ALA A 200 -17.69 37.07 -26.03
C ALA A 200 -18.87 38.03 -25.86
N GLY A 201 -19.37 38.19 -24.63
CA GLY A 201 -20.48 39.11 -24.36
C GLY A 201 -21.84 38.56 -24.75
N VAL A 202 -21.92 37.24 -24.88
CA VAL A 202 -23.15 36.58 -25.30
C VAL A 202 -24.11 36.46 -24.12
N THR A 203 -25.34 36.91 -24.34
CA THR A 203 -26.38 36.86 -23.31
C THR A 203 -26.58 35.44 -22.77
N SER A 204 -26.68 35.33 -21.45
CA SER A 204 -26.82 34.04 -20.77
C SER A 204 -28.00 33.20 -21.27
N ASP A 205 -29.07 33.85 -21.70
CA ASP A 205 -30.25 33.16 -22.24
C ASP A 205 -29.99 32.43 -23.57
N LYS A 206 -28.85 32.73 -24.20
CA LYS A 206 -28.47 32.11 -25.47
C LYS A 206 -27.63 30.84 -25.31
N PHE A 207 -27.22 30.49 -24.07
CA PHE A 207 -26.30 29.38 -23.85
C PHE A 207 -26.91 28.02 -24.18
N ALA A 208 -28.17 27.82 -23.80
CA ALA A 208 -28.86 26.56 -24.11
C ALA A 208 -29.01 26.32 -25.63
N PRO A 209 -29.53 27.32 -26.38
CA PRO A 209 -29.57 27.16 -27.84
C PRO A 209 -28.19 26.87 -28.45
N VAL A 210 -27.15 27.56 -27.99
CA VAL A 210 -25.79 27.32 -28.45
C VAL A 210 -25.41 25.85 -28.24
N CYS A 211 -25.74 25.32 -27.06
CA CYS A 211 -25.47 23.92 -26.75
C CYS A 211 -26.26 22.97 -27.65
N VAL A 212 -27.54 23.28 -27.90
CA VAL A 212 -28.38 22.46 -28.78
C VAL A 212 -27.79 22.44 -30.20
N ILE A 213 -27.21 23.57 -30.63
CA ILE A 213 -26.63 23.69 -31.96
C ILE A 213 -25.28 22.97 -32.04
N VAL A 214 -24.37 23.32 -31.13
CA VAL A 214 -23.03 22.72 -31.09
C VAL A 214 -23.09 21.19 -30.95
N ASP A 215 -24.14 20.68 -30.30
CA ASP A 215 -24.41 19.24 -30.26
C ASP A 215 -24.43 18.63 -31.68
N LYS A 216 -24.92 19.39 -32.65
CA LYS A 216 -24.92 18.96 -34.05
C LYS A 216 -23.60 19.36 -34.73
N GLU A 223 -21.00 21.62 -41.24
CA GLU A 223 -20.92 22.95 -41.86
C GLU A 223 -22.21 23.75 -41.70
N GLU A 224 -23.31 23.08 -41.36
CA GLU A 224 -24.58 23.75 -41.07
C GLU A 224 -24.61 24.33 -39.65
N VAL A 225 -23.74 23.82 -38.77
CA VAL A 225 -23.60 24.35 -37.40
C VAL A 225 -22.93 25.73 -37.38
N GLU A 226 -22.19 26.05 -38.44
CA GLU A 226 -21.58 27.38 -38.61
C GLU A 226 -22.64 28.43 -38.93
N ALA A 227 -23.64 28.06 -39.73
CA ALA A 227 -24.72 28.97 -40.12
C ALA A 227 -25.74 29.21 -39.00
N GLN A 228 -26.06 28.17 -38.24
CA GLN A 228 -27.09 28.24 -37.20
C GLN A 228 -26.71 29.14 -36.01
N LEU A 229 -25.42 29.19 -35.68
CA LEU A 229 -24.94 30.03 -34.58
C LEU A 229 -25.06 31.52 -34.91
N ALA A 230 -24.73 31.88 -36.15
CA ALA A 230 -24.88 33.26 -36.63
C ALA A 230 -26.33 33.74 -36.45
N VAL A 231 -27.28 32.86 -36.75
CA VAL A 231 -28.71 33.18 -36.62
C VAL A 231 -29.11 33.39 -35.16
N LEU A 232 -28.52 32.61 -34.26
CA LEU A 232 -28.71 32.83 -32.82
C LEU A 232 -28.15 34.19 -32.41
N GLY A 233 -27.08 34.62 -33.08
CA GLY A 233 -26.53 35.98 -32.94
C GLY A 233 -25.03 35.99 -32.79
N PRO A 236 -18.44 35.52 -36.25
CA PRO A 236 -17.48 34.52 -36.73
C PRO A 236 -16.36 34.19 -35.73
N THR A 237 -15.82 35.20 -35.06
CA THR A 237 -14.71 35.02 -34.11
C THR A 237 -15.16 34.22 -32.88
N VAL A 238 -16.44 34.35 -32.51
CA VAL A 238 -17.02 33.61 -31.39
C VAL A 238 -17.19 32.14 -31.76
N VAL A 239 -17.59 31.87 -33.00
CA VAL A 239 -17.72 30.51 -33.52
C VAL A 239 -16.36 29.84 -33.61
N ASP A 240 -15.36 30.60 -34.07
CA ASP A 240 -13.96 30.17 -34.11
C ASP A 240 -13.51 29.66 -32.74
N ALA A 241 -13.79 30.45 -31.70
CA ALA A 241 -13.39 30.12 -30.34
C ALA A 241 -14.09 28.86 -29.85
N ILE A 242 -15.40 28.77 -30.10
CA ILE A 242 -16.16 27.57 -29.74
C ILE A 242 -15.53 26.30 -30.30
N THR A 243 -15.33 26.29 -31.62
CA THR A 243 -14.79 25.13 -32.33
C THR A 243 -13.39 24.75 -31.84
N THR A 244 -12.55 25.74 -31.59
CA THR A 244 -11.18 25.52 -31.13
C THR A 244 -11.15 24.76 -29.80
N THR A 245 -11.98 25.19 -28.84
CA THR A 245 -11.97 24.60 -27.49
C THR A 245 -12.57 23.20 -27.48
N LEU A 246 -13.62 22.98 -28.27
CA LEU A 246 -14.22 21.66 -28.42
C LEU A 246 -13.29 20.66 -29.10
N SER A 247 -12.27 21.16 -29.79
CA SER A 247 -11.29 20.32 -30.46
C SER A 247 -10.08 20.01 -29.58
N LEU A 248 -10.00 20.63 -28.40
CA LEU A 248 -8.91 20.36 -27.47
C LEU A 248 -9.06 18.94 -26.94
N LYS A 249 -7.96 18.20 -26.89
CA LYS A 249 -8.02 16.74 -26.68
C LYS A 249 -7.69 16.29 -25.26
N SER A 250 -7.41 17.22 -24.35
CA SER A 250 -7.08 16.85 -22.97
C SER A 250 -7.48 17.92 -21.96
N ILE A 251 -7.58 17.52 -20.70
CA ILE A 251 -7.89 18.44 -19.61
C ILE A 251 -6.76 19.47 -19.42
N ASP A 252 -5.52 19.04 -19.59
CA ASP A 252 -4.39 19.97 -19.50
C ASP A 252 -4.51 21.09 -20.53
N GLU A 253 -4.95 20.76 -21.73
CA GLU A 253 -5.15 21.77 -22.78
C GLU A 253 -6.30 22.74 -22.45
N ILE A 254 -7.33 22.23 -21.78
CA ILE A 254 -8.42 23.08 -21.28
C ILE A 254 -7.90 24.03 -20.20
N ALA A 255 -7.05 23.52 -19.31
CA ALA A 255 -6.47 24.33 -18.23
C ALA A 255 -5.62 25.47 -18.77
N GLN A 256 -4.87 25.23 -19.85
CA GLN A 256 -4.07 26.30 -20.49
C GLN A 256 -4.95 27.45 -20.99
N ARG A 257 -6.15 27.12 -21.45
CA ARG A 257 -7.07 28.11 -22.01
C ARG A 257 -7.84 28.87 -20.93
N VAL A 258 -8.41 28.15 -19.95
CA VAL A 258 -9.29 28.79 -18.95
C VAL A 258 -8.75 28.83 -17.52
N GLY A 259 -7.56 28.25 -17.31
CA GLY A 259 -6.93 28.21 -15.99
C GLY A 259 -7.17 26.90 -15.27
N GLU A 260 -6.18 26.49 -14.48
CA GLU A 260 -6.22 25.24 -13.71
C GLU A 260 -7.18 25.33 -12.50
N GLU A 261 -7.49 26.53 -12.04
CA GLU A 261 -8.44 26.64 -10.90
C GLU A 261 -9.87 26.90 -11.39
N HIS A 262 -10.09 26.96 -12.70
CA HIS A 262 -11.45 27.06 -13.27
C HIS A 262 -12.30 25.89 -12.79
N GLU A 263 -13.57 26.16 -12.50
CA GLU A 263 -14.48 25.16 -11.93
C GLU A 263 -14.46 23.85 -12.69
N ALA A 264 -14.66 23.95 -14.00
CA ALA A 264 -14.68 22.76 -14.87
C ALA A 264 -13.44 21.89 -14.70
N VAL A 265 -12.27 22.51 -14.62
CA VAL A 265 -11.03 21.74 -14.51
C VAL A 265 -10.98 21.01 -13.16
N LYS A 266 -11.24 21.72 -12.08
CA LYS A 266 -11.25 21.13 -10.73
C LYS A 266 -12.28 20.02 -10.62
N GLU A 267 -13.46 20.24 -11.16
CA GLU A 267 -14.52 19.26 -11.12
C GLU A 267 -14.21 18.01 -11.94
N LEU A 268 -13.66 18.20 -13.14
CA LEU A 268 -13.33 17.06 -14.01
C LEU A 268 -12.20 16.25 -13.38
N ARG A 269 -11.22 16.92 -12.80
CA ARG A 269 -10.12 16.21 -12.13
C ARG A 269 -10.63 15.40 -10.93
N GLN A 270 -11.46 16.01 -10.10
CA GLN A 270 -12.14 15.29 -9.00
C GLN A 270 -12.93 14.09 -9.54
N PHE A 271 -13.71 14.32 -10.58
CA PHE A 271 -14.49 13.26 -11.20
C PHE A 271 -13.60 12.08 -11.60
N PHE A 272 -12.51 12.33 -12.31
CA PHE A 272 -11.67 11.23 -12.79
C PHE A 272 -10.91 10.54 -11.67
N GLU A 273 -10.52 11.31 -10.66
CA GLU A 273 -9.90 10.74 -9.46
C GLU A 273 -10.86 9.76 -8.76
N GLN A 274 -12.12 10.13 -8.64
CA GLN A 274 -13.10 9.27 -7.95
C GLN A 274 -13.44 8.00 -8.71
N VAL A 275 -13.66 8.12 -10.01
CA VAL A 275 -13.92 6.94 -10.84
C VAL A 275 -12.73 5.97 -10.84
N GLU A 276 -11.51 6.52 -10.89
CA GLU A 276 -10.30 5.70 -10.76
C GLU A 276 -10.32 4.95 -9.42
N ALA A 277 -10.60 5.68 -8.34
CA ALA A 277 -10.63 5.10 -6.99
C ALA A 277 -11.68 3.99 -6.85
N TYR A 278 -12.82 4.16 -7.50
CA TYR A 278 -13.88 3.15 -7.51
C TYR A 278 -13.52 1.95 -8.38
N GLY A 279 -12.55 2.13 -9.28
CA GLY A 279 -11.98 1.02 -10.06
C GLY A 279 -12.48 0.94 -11.49
N TYR A 280 -13.05 2.04 -11.99
CA TYR A 280 -13.61 2.07 -13.34
C TYR A 280 -12.89 3.07 -14.23
N GLY A 281 -11.63 3.37 -13.92
CA GLY A 281 -10.81 4.32 -14.70
C GLY A 281 -10.63 3.97 -16.17
N ASP A 282 -10.53 2.69 -16.49
CA ASP A 282 -10.42 2.24 -17.87
C ASP A 282 -11.72 2.49 -18.67
N TRP A 283 -12.83 2.69 -17.98
CA TRP A 283 -14.14 2.88 -18.63
C TRP A 283 -14.43 4.32 -19.06
N VAL A 284 -13.68 5.27 -18.54
CA VAL A 284 -14.03 6.69 -18.72
C VAL A 284 -12.88 7.44 -19.36
N LEU A 285 -13.22 8.51 -20.07
CA LEU A 285 -12.22 9.38 -20.68
C LEU A 285 -12.82 10.76 -20.96
N PHE A 286 -11.93 11.72 -21.17
CA PHE A 286 -12.32 13.09 -21.48
C PHE A 286 -12.56 13.28 -22.96
N ASP A 287 -13.65 13.95 -23.29
CA ASP A 287 -13.91 14.37 -24.68
C ASP A 287 -14.59 15.74 -24.69
N ALA A 288 -13.86 16.76 -25.13
CA ALA A 288 -14.31 18.16 -25.10
C ALA A 288 -15.43 18.50 -26.08
N SER A 289 -15.76 17.59 -26.99
CA SER A 289 -16.84 17.82 -27.96
C SER A 289 -18.21 17.32 -27.45
N VAL A 290 -18.24 16.70 -26.29
CA VAL A 290 -19.51 16.19 -25.75
C VAL A 290 -20.27 17.29 -25.01
N VAL A 291 -21.44 17.62 -25.55
CA VAL A 291 -22.31 18.60 -24.92
C VAL A 291 -23.73 18.08 -24.63
N ARG A 292 -24.19 17.10 -25.39
CA ARG A 292 -25.57 16.60 -25.36
C ARG A 292 -26.55 17.60 -25.97
N GLY A 293 -27.72 17.09 -26.34
CA GLY A 293 -28.70 17.87 -27.09
C GLY A 293 -29.77 18.58 -26.26
N LEU A 294 -29.73 18.43 -24.95
CA LEU A 294 -30.78 18.95 -24.08
C LEU A 294 -30.46 20.34 -23.53
N ALA A 295 -31.51 21.14 -23.36
CA ALA A 295 -31.36 22.53 -22.97
C ALA A 295 -30.75 22.67 -21.58
N TYR A 296 -31.10 21.77 -20.67
CA TYR A 296 -31.00 22.04 -19.23
C TYR A 296 -29.69 21.67 -18.52
N TYR A 297 -28.77 20.98 -19.20
CA TYR A 297 -27.48 20.65 -18.58
C TYR A 297 -26.65 21.92 -18.32
N THR A 298 -26.08 22.00 -17.12
CA THR A 298 -25.29 23.16 -16.67
C THR A 298 -23.80 22.84 -16.41
N GLY A 299 -23.48 21.58 -16.14
CA GLY A 299 -22.14 21.22 -15.66
C GLY A 299 -21.63 20.01 -16.44
N ILE A 300 -21.14 19.03 -15.73
CA ILE A 300 -20.65 17.80 -16.34
C ILE A 300 -21.73 17.15 -17.22
N VAL A 301 -21.31 16.72 -18.41
CA VAL A 301 -22.17 15.91 -19.28
C VAL A 301 -21.38 14.69 -19.76
N PHE A 302 -22.09 13.62 -20.09
CA PHE A 302 -21.44 12.38 -20.50
C PHE A 302 -22.30 11.55 -21.42
N GLU A 303 -21.65 10.63 -22.14
CA GLU A 303 -22.35 9.67 -22.97
C GLU A 303 -21.54 8.40 -23.20
N GLY A 304 -22.25 7.28 -23.25
CA GLY A 304 -21.65 5.96 -23.45
C GLY A 304 -21.54 5.67 -24.91
N PHE A 305 -20.53 4.90 -25.28
CA PHE A 305 -20.28 4.61 -26.69
C PHE A 305 -19.56 3.29 -26.84
N ASP A 306 -19.72 2.67 -28.01
CA ASP A 306 -18.96 1.47 -28.33
C ASP A 306 -17.64 1.89 -28.97
N ARG A 307 -16.56 1.25 -28.52
CA ARG A 307 -15.21 1.61 -28.99
C ARG A 307 -14.88 1.14 -30.41
N GLU A 308 -15.84 0.55 -31.13
CA GLU A 308 -15.68 0.25 -32.55
C GLU A 308 -16.27 1.35 -33.44
N GLY A 309 -16.93 2.34 -32.85
CA GLY A 309 -17.54 3.43 -33.62
C GLY A 309 -18.68 3.00 -34.54
N LYS A 310 -19.39 1.93 -34.16
CA LYS A 310 -20.48 1.40 -34.96
C LYS A 310 -21.87 1.92 -34.59
N PHE A 311 -22.07 2.27 -33.33
CA PHE A 311 -23.42 2.56 -32.85
C PHE A 311 -23.57 4.01 -32.38
N ARG A 312 -24.83 4.45 -32.30
CA ARG A 312 -25.17 5.72 -31.66
C ARG A 312 -24.94 5.60 -30.15
N ALA A 313 -25.15 6.68 -29.41
CA ALA A 313 -24.90 6.68 -27.97
C ALA A 313 -25.71 5.61 -27.23
N LEU A 314 -25.06 4.92 -26.29
CA LEU A 314 -25.67 3.89 -25.47
C LEU A 314 -26.44 4.49 -24.31
N CYS A 315 -25.94 5.62 -23.80
CA CYS A 315 -26.59 6.35 -22.74
C CYS A 315 -26.06 7.76 -22.74
N GLY A 316 -26.75 8.65 -22.03
CA GLY A 316 -26.38 10.06 -21.98
C GLY A 316 -26.96 10.76 -20.78
N GLY A 317 -26.18 11.68 -20.21
CA GLY A 317 -26.66 12.40 -19.04
C GLY A 317 -25.78 13.59 -18.68
N GLY A 318 -25.99 14.09 -17.46
CA GLY A 318 -25.29 15.27 -16.99
C GLY A 318 -25.98 15.94 -15.82
N ARG A 319 -25.38 17.04 -15.37
CA ARG A 319 -25.88 17.83 -14.25
C ARG A 319 -26.79 18.92 -14.79
N TYR A 320 -27.92 19.13 -14.12
CA TYR A 320 -28.89 20.15 -14.51
C TYR A 320 -29.39 20.89 -13.29
N ASP A 321 -28.58 21.83 -12.82
CA ASP A 321 -28.81 22.48 -11.53
C ASP A 321 -29.87 23.56 -11.57
N ASN A 322 -30.23 24.04 -12.76
CA ASN A 322 -31.21 25.13 -12.86
C ASN A 322 -32.64 24.69 -13.18
N LEU A 323 -32.85 23.43 -13.57
CA LEU A 323 -34.16 23.00 -14.06
C LEU A 323 -35.30 23.29 -13.09
N LEU A 324 -35.12 22.94 -11.83
CA LEU A 324 -36.18 23.11 -10.84
C LEU A 324 -36.43 24.59 -10.52
N THR A 325 -35.41 25.43 -10.64
CA THR A 325 -35.60 26.87 -10.53
C THR A 325 -36.49 27.40 -11.66
N THR A 326 -36.31 26.87 -12.88
CA THR A 326 -37.13 27.30 -14.04
C THR A 326 -38.58 26.84 -13.90
N TYR A 327 -38.80 25.70 -13.23
CA TYR A 327 -40.16 25.21 -12.93
C TYR A 327 -40.82 26.00 -11.81
N GLY A 328 -40.04 26.84 -11.11
CA GLY A 328 -40.57 27.71 -10.06
C GLY A 328 -40.23 27.31 -8.64
N SER A 329 -39.26 26.41 -8.45
CA SER A 329 -38.80 26.11 -7.10
C SER A 329 -38.29 27.39 -6.44
N PRO A 330 -38.74 27.68 -5.20
CA PRO A 330 -38.24 28.88 -4.53
C PRO A 330 -36.78 28.76 -4.12
N THR A 331 -36.27 27.53 -4.02
CA THR A 331 -34.85 27.32 -3.74
C THR A 331 -34.22 26.50 -4.87
N PRO A 332 -32.96 26.82 -5.23
CA PRO A 332 -32.28 25.99 -6.23
C PRO A 332 -32.11 24.56 -5.76
N ILE A 333 -32.30 23.61 -6.66
CA ILE A 333 -32.16 22.20 -6.33
C ILE A 333 -31.18 21.56 -7.30
N PRO A 334 -29.99 21.21 -6.78
CA PRO A 334 -29.04 20.52 -7.63
C PRO A 334 -29.60 19.16 -8.10
N CYS A 335 -29.35 18.81 -9.35
CA CYS A 335 -29.73 17.53 -9.90
C CYS A 335 -28.70 17.08 -10.92
N ALA A 336 -28.59 15.76 -11.08
CA ALA A 336 -27.81 15.16 -12.15
C ALA A 336 -28.41 13.80 -12.44
N GLY A 337 -28.29 13.32 -13.68
CA GLY A 337 -28.84 12.02 -14.04
C GLY A 337 -28.52 11.60 -15.45
N PHE A 338 -29.00 10.42 -15.83
CA PHE A 338 -28.85 9.92 -17.19
C PHE A 338 -30.03 9.08 -17.66
N GLY A 339 -30.10 8.95 -18.97
CA GLY A 339 -31.00 8.04 -19.65
C GLY A 339 -30.18 6.99 -20.39
N PHE A 340 -30.76 5.81 -20.56
CA PHE A 340 -30.07 4.66 -21.10
C PHE A 340 -31.15 3.88 -21.83
N GLY A 341 -31.17 3.99 -23.15
CA GLY A 341 -32.22 3.41 -23.97
C GLY A 341 -32.11 1.91 -24.08
N ASP A 342 -33.19 1.27 -24.52
CA ASP A 342 -33.26 -0.19 -24.59
C ASP A 342 -32.90 -0.77 -25.97
N CYS A 343 -32.67 0.09 -26.96
CA CYS A 343 -32.48 -0.40 -28.33
C CYS A 343 -31.01 -0.48 -28.76
N VAL A 344 -30.21 0.55 -28.53
CA VAL A 344 -28.82 0.52 -28.96
C VAL A 344 -27.99 -0.54 -28.21
N ILE A 345 -28.14 -0.60 -26.89
CA ILE A 345 -27.50 -1.64 -26.08
C ILE A 345 -27.77 -3.04 -26.60
N VAL A 346 -28.99 -3.31 -27.03
CA VAL A 346 -29.35 -4.64 -27.49
C VAL A 346 -28.61 -4.95 -28.80
N GLU A 347 -28.58 -3.96 -29.70
CA GLU A 347 -27.77 -4.05 -30.92
C GLU A 347 -26.32 -4.41 -30.58
N LEU A 348 -25.73 -3.67 -29.66
CA LEU A 348 -24.33 -3.92 -29.26
C LEU A 348 -24.15 -5.31 -28.65
N LEU A 349 -25.06 -5.70 -27.75
CA LEU A 349 -25.02 -7.04 -27.17
C LEU A 349 -25.16 -8.16 -28.22
N GLN A 350 -26.01 -7.95 -29.23
CA GLN A 350 -26.15 -8.91 -30.34
C GLN A 350 -24.87 -9.05 -31.14
N GLU A 351 -24.26 -7.92 -31.50
CA GLU A 351 -22.97 -7.90 -32.20
C GLU A 351 -21.89 -8.67 -31.42
N LYS A 352 -21.82 -8.43 -30.12
CA LYS A 352 -20.81 -9.05 -29.26
C LYS A 352 -21.17 -10.49 -28.83
N ARG A 353 -22.32 -10.98 -29.30
CA ARG A 353 -22.80 -12.35 -29.01
C ARG A 353 -23.10 -12.57 -27.53
N LEU A 354 -23.64 -11.54 -26.88
CA LEU A 354 -23.97 -11.60 -25.46
C LEU A 354 -25.48 -11.73 -25.20
N LEU A 355 -26.26 -12.01 -26.25
CA LEU A 355 -27.69 -12.21 -26.12
C LEU A 355 -28.15 -13.55 -26.68
N PRO A 356 -27.62 -14.65 -26.12
CA PRO A 356 -28.15 -15.94 -26.55
C PRO A 356 -29.61 -16.04 -26.15
N ASP A 357 -30.43 -16.72 -26.95
CA ASP A 357 -31.81 -16.96 -26.58
C ASP A 357 -31.82 -17.80 -25.31
N ILE A 358 -32.48 -17.32 -24.26
CA ILE A 358 -32.71 -18.14 -23.07
C ILE A 358 -34.12 -18.73 -23.17
N PRO A 359 -34.25 -20.04 -23.42
CA PRO A 359 -35.61 -20.57 -23.58
C PRO A 359 -36.38 -20.57 -22.28
N HIS A 360 -37.70 -20.55 -22.38
CA HIS A 360 -38.55 -20.64 -21.19
C HIS A 360 -38.23 -21.92 -20.39
N VAL A 361 -38.31 -21.82 -19.07
CA VAL A 361 -38.05 -22.93 -18.17
C VAL A 361 -39.14 -22.99 -17.12
N VAL A 362 -39.37 -24.20 -16.63
CA VAL A 362 -40.27 -24.46 -15.52
C VAL A 362 -39.66 -25.65 -14.77
N ASP A 363 -39.88 -25.75 -13.47
CA ASP A 363 -39.25 -26.82 -12.69
C ASP A 363 -39.87 -28.17 -12.99
N ASP A 364 -41.21 -28.25 -12.90
CA ASP A 364 -41.93 -29.52 -13.01
C ASP A 364 -43.10 -29.50 -13.97
N VAL A 365 -43.29 -30.60 -14.68
CA VAL A 365 -44.52 -30.81 -15.41
C VAL A 365 -45.20 -32.07 -14.86
N VAL A 366 -46.38 -31.87 -14.31
CA VAL A 366 -47.20 -32.92 -13.75
C VAL A 366 -48.05 -33.54 -14.85
N ILE A 367 -47.95 -34.87 -14.98
CA ILE A 367 -48.64 -35.60 -16.05
C ILE A 367 -49.59 -36.64 -15.45
N PRO A 368 -50.91 -36.43 -15.62
CA PRO A 368 -51.85 -37.48 -15.22
C PRO A 368 -51.76 -38.66 -16.18
N PHE A 369 -51.65 -39.87 -15.66
CA PHE A 369 -51.58 -41.06 -16.49
C PHE A 369 -52.80 -41.17 -17.40
N ASP A 370 -53.96 -40.80 -16.87
CA ASP A 370 -55.18 -40.64 -17.66
C ASP A 370 -56.11 -39.69 -16.91
N GLU A 371 -57.32 -39.47 -17.43
CA GLU A 371 -58.22 -38.47 -16.84
C GLU A 371 -58.69 -38.80 -15.42
N SER A 372 -58.76 -40.09 -15.09
CA SER A 372 -59.13 -40.49 -13.73
C SER A 372 -58.07 -40.12 -12.68
N MET A 373 -56.86 -39.81 -13.12
CA MET A 373 -55.78 -39.39 -12.21
C MET A 373 -55.64 -37.87 -12.09
N ARG A 374 -56.48 -37.11 -12.79
CA ARG A 374 -56.41 -35.65 -12.76
C ARG A 374 -56.58 -35.09 -11.33
N PRO A 375 -57.59 -35.57 -10.59
CA PRO A 375 -57.74 -35.06 -9.22
C PRO A 375 -56.50 -35.26 -8.36
N HIS A 376 -55.93 -36.46 -8.40
CA HIS A 376 -54.71 -36.72 -7.65
C HIS A 376 -53.56 -35.84 -8.16
N ALA A 377 -53.46 -35.68 -9.47
CA ALA A 377 -52.41 -34.89 -10.10
C ALA A 377 -52.46 -33.42 -9.67
N LEU A 378 -53.68 -32.94 -9.46
CA LEU A 378 -53.88 -31.57 -9.01
C LEU A 378 -53.40 -31.43 -7.56
N ALA A 379 -53.63 -32.44 -6.74
CA ALA A 379 -53.11 -32.45 -5.38
C ALA A 379 -51.58 -32.38 -5.39
N VAL A 380 -50.96 -33.14 -6.28
CA VAL A 380 -49.51 -33.08 -6.46
C VAL A 380 -49.06 -31.70 -6.91
N LEU A 381 -49.72 -31.18 -7.95
CA LEU A 381 -49.43 -29.84 -8.45
C LEU A 381 -49.47 -28.78 -7.35
N ARG A 382 -50.52 -28.82 -6.53
CA ARG A 382 -50.65 -27.91 -5.40
C ARG A 382 -49.40 -27.95 -4.52
N ARG A 383 -48.98 -29.16 -4.13
CA ARG A 383 -47.82 -29.36 -3.25
C ARG A 383 -46.55 -28.73 -3.83
N LEU A 384 -46.31 -28.97 -5.11
CA LEU A 384 -45.12 -28.48 -5.79
C LEU A 384 -45.09 -26.95 -5.75
N ARG A 385 -46.23 -26.34 -6.07
CA ARG A 385 -46.34 -24.88 -6.05
C ARG A 385 -46.26 -24.29 -4.63
N ASP A 386 -46.83 -24.96 -3.64
CA ASP A 386 -46.69 -24.52 -2.23
C ASP A 386 -45.24 -24.45 -1.77
N ALA A 387 -44.41 -25.33 -2.33
CA ALA A 387 -43.00 -25.41 -1.97
C ALA A 387 -42.10 -24.39 -2.68
N GLY A 388 -42.70 -23.56 -3.55
CA GLY A 388 -41.96 -22.51 -4.26
C GLY A 388 -41.43 -22.97 -5.61
N ARG A 389 -41.98 -24.06 -6.12
CA ARG A 389 -41.58 -24.55 -7.43
C ARG A 389 -42.51 -24.01 -8.52
N SER A 390 -41.96 -23.84 -9.71
CA SER A 390 -42.74 -23.51 -10.89
C SER A 390 -43.17 -24.83 -11.53
N ALA A 391 -44.47 -25.00 -11.74
CA ALA A 391 -44.99 -26.26 -12.24
C ALA A 391 -46.20 -26.10 -13.13
N ASP A 392 -46.22 -26.87 -14.22
CA ASP A 392 -47.39 -27.04 -15.05
C ASP A 392 -48.06 -28.35 -14.76
N ILE A 393 -49.35 -28.42 -15.09
CA ILE A 393 -50.06 -29.69 -15.25
C ILE A 393 -50.60 -29.76 -16.68
N ILE A 394 -50.52 -30.94 -17.27
CA ILE A 394 -51.01 -31.14 -18.62
C ILE A 394 -52.50 -30.88 -18.56
N LEU A 395 -52.94 -29.84 -19.27
CA LEU A 395 -54.31 -29.33 -19.14
C LEU A 395 -55.31 -30.16 -19.95
N ASP A 396 -55.00 -30.47 -21.20
CA ASP A 396 -55.91 -31.26 -22.05
C ASP A 396 -55.62 -32.77 -21.95
N LYS A 397 -56.47 -33.55 -22.61
CA LYS A 397 -56.36 -35.00 -22.61
C LYS A 397 -55.32 -35.41 -23.64
N LYS A 398 -54.23 -36.05 -23.21
CA LYS A 398 -53.25 -36.58 -24.16
C LYS A 398 -52.45 -37.77 -23.63
N LYS A 399 -51.76 -38.45 -24.54
CA LYS A 399 -50.97 -39.63 -24.17
C LYS A 399 -49.66 -39.21 -23.52
N VAL A 400 -49.14 -40.09 -22.67
CA VAL A 400 -47.99 -39.79 -21.81
C VAL A 400 -46.76 -39.30 -22.59
N VAL A 401 -46.45 -39.99 -23.68
CA VAL A 401 -45.29 -39.62 -24.52
C VAL A 401 -45.43 -38.22 -25.14
N GLN A 402 -46.65 -37.86 -25.56
CA GLN A 402 -46.91 -36.49 -26.04
C GLN A 402 -46.80 -35.48 -24.89
N ALA A 403 -47.28 -35.84 -23.72
CA ALA A 403 -47.14 -34.99 -22.54
C ALA A 403 -45.66 -34.76 -22.21
N PHE A 404 -44.87 -35.81 -22.40
CA PHE A 404 -43.43 -35.77 -22.21
C PHE A 404 -42.73 -34.85 -23.20
N ASN A 405 -43.19 -34.89 -24.45
CA ASN A 405 -42.68 -34.00 -25.48
C ASN A 405 -42.96 -32.54 -25.12
N TYR A 406 -44.21 -32.27 -24.74
CA TYR A 406 -44.59 -30.91 -24.33
C TYR A 406 -43.70 -30.44 -23.19
N ALA A 407 -43.44 -31.33 -22.24
CA ALA A 407 -42.53 -31.04 -21.14
C ALA A 407 -41.17 -30.55 -21.65
N ASP A 408 -40.61 -31.26 -22.62
CA ASP A 408 -39.34 -30.86 -23.20
C ASP A 408 -39.42 -29.50 -23.89
N ARG A 409 -40.50 -29.26 -24.65
CA ARG A 409 -40.67 -28.00 -25.39
C ARG A 409 -40.73 -26.78 -24.45
N VAL A 410 -41.38 -26.93 -23.30
CA VAL A 410 -41.47 -25.83 -22.33
C VAL A 410 -40.27 -25.78 -21.37
N GLY A 411 -39.30 -26.68 -21.56
CA GLY A 411 -38.04 -26.61 -20.84
C GLY A 411 -38.14 -27.05 -19.39
N ALA A 412 -38.93 -28.09 -19.14
CA ALA A 412 -39.09 -28.63 -17.78
C ALA A 412 -37.81 -29.33 -17.34
N VAL A 413 -37.45 -29.16 -16.07
CA VAL A 413 -36.30 -29.83 -15.50
C VAL A 413 -36.71 -31.24 -15.10
N ARG A 414 -38.00 -31.44 -14.84
CA ARG A 414 -38.47 -32.69 -14.24
C ARG A 414 -39.91 -32.98 -14.65
N ALA A 415 -40.18 -34.25 -14.96
CA ALA A 415 -41.52 -34.70 -15.29
C ALA A 415 -42.07 -35.63 -14.20
N VAL A 416 -43.27 -35.32 -13.72
CA VAL A 416 -43.88 -36.03 -12.61
C VAL A 416 -45.15 -36.74 -13.11
N LEU A 417 -45.04 -38.05 -13.30
CA LEU A 417 -46.14 -38.86 -13.82
C LEU A 417 -46.95 -39.43 -12.65
N VAL A 418 -48.24 -39.16 -12.67
CA VAL A 418 -49.16 -39.57 -11.61
C VAL A 418 -49.99 -40.75 -12.12
N ALA A 419 -49.56 -41.97 -11.79
CA ALA A 419 -50.18 -43.19 -12.28
C ALA A 419 -50.87 -43.96 -11.16
N PRO A 420 -51.93 -44.72 -11.49
CA PRO A 420 -52.69 -45.45 -10.48
C PRO A 420 -51.86 -46.36 -9.58
N GLU A 421 -50.96 -47.15 -10.16
CA GLU A 421 -50.20 -48.12 -9.35
C GLU A 421 -49.25 -47.46 -8.36
N GLU A 422 -48.55 -46.41 -8.80
CA GLU A 422 -47.67 -45.67 -7.91
C GLU A 422 -48.46 -44.97 -6.80
N TRP A 423 -49.60 -44.39 -7.18
CA TRP A 423 -50.45 -43.65 -6.24
C TRP A 423 -50.86 -44.51 -5.03
N GLU A 424 -51.31 -45.74 -5.28
CA GLU A 424 -51.69 -46.66 -4.21
C GLU A 424 -50.54 -46.88 -3.20
N ARG A 425 -49.30 -46.83 -3.71
CA ARG A 425 -48.10 -46.94 -2.88
C ARG A 425 -47.66 -45.60 -2.26
N GLY A 426 -48.48 -44.56 -2.36
CA GLY A 426 -48.12 -43.23 -1.87
C GLY A 426 -46.97 -42.60 -2.65
N GLU A 427 -46.91 -42.88 -3.95
CA GLU A 427 -45.80 -42.47 -4.79
C GLU A 427 -46.25 -41.91 -6.14
N VAL A 428 -45.31 -41.24 -6.81
CA VAL A 428 -45.42 -40.86 -8.21
C VAL A 428 -44.12 -41.27 -8.92
N GLN A 429 -44.13 -41.24 -10.25
CA GLN A 429 -42.91 -41.46 -11.02
C GLN A 429 -42.28 -40.13 -11.43
N VAL A 430 -40.99 -40.01 -11.19
CA VAL A 430 -40.22 -38.82 -11.52
C VAL A 430 -39.16 -39.16 -12.57
N LYS A 431 -39.03 -38.29 -13.56
CA LYS A 431 -38.09 -38.49 -14.66
C LYS A 431 -37.35 -37.17 -14.89
N MET A 432 -36.03 -37.18 -14.72
CA MET A 432 -35.21 -35.97 -14.87
C MET A 432 -34.92 -35.72 -16.35
N LEU A 433 -35.11 -34.49 -16.81
CA LEU A 433 -35.02 -34.16 -18.23
C LEU A 433 -33.78 -33.34 -18.60
N ARG A 434 -33.08 -32.79 -17.60
CA ARG A 434 -31.97 -31.87 -17.85
C ARG A 434 -30.74 -32.58 -18.43
N ARG A 446 -33.24 -43.26 -16.30
CA ARG A 446 -34.54 -42.99 -16.93
C ARG A 446 -35.70 -43.54 -16.09
N GLY A 447 -36.12 -42.77 -15.08
CA GLY A 447 -37.43 -42.94 -14.43
C GLY A 447 -37.44 -43.80 -13.17
N PHE A 448 -38.07 -43.29 -12.10
CA PHE A 448 -38.21 -44.05 -10.85
C PHE A 448 -39.26 -43.47 -9.91
N ALA A 449 -39.70 -44.29 -8.96
CA ALA A 449 -40.77 -43.93 -8.02
C ALA A 449 -40.25 -43.05 -6.88
N VAL A 450 -41.11 -42.13 -6.42
CA VAL A 450 -40.74 -41.20 -5.35
C VAL A 450 -41.95 -40.98 -4.42
N PRO A 451 -41.72 -41.00 -3.10
CA PRO A 451 -42.83 -40.71 -2.17
C PRO A 451 -43.34 -39.28 -2.28
N LEU A 452 -44.65 -39.12 -2.18
CA LEU A 452 -45.29 -37.80 -2.25
C LEU A 452 -44.61 -36.76 -1.37
N ASP A 453 -44.26 -37.16 -0.14
CA ASP A 453 -43.66 -36.24 0.84
C ASP A 453 -42.27 -35.76 0.45
N ARG A 454 -41.54 -36.55 -0.35
CA ARG A 454 -40.15 -36.24 -0.65
C ARG A 454 -39.91 -35.65 -2.06
N LEU A 455 -40.98 -35.21 -2.72
CA LEU A 455 -40.86 -34.55 -4.02
C LEU A 455 -40.25 -33.15 -3.89
N VAL A 456 -40.53 -32.48 -2.78
CA VAL A 456 -40.15 -31.08 -2.60
C VAL A 456 -39.02 -30.89 -1.59
N MET B 26 5.41 -16.43 -2.99
CA MET B 26 6.42 -16.34 -1.90
C MET B 26 6.54 -14.92 -1.34
N VAL B 27 6.71 -14.80 -0.03
CA VAL B 27 7.14 -13.55 0.57
C VAL B 27 8.59 -13.32 0.14
N GLU B 28 9.07 -12.09 0.30
CA GLU B 28 10.47 -11.78 0.02
C GLU B 28 11.33 -12.39 1.13
N THR B 29 12.27 -13.25 0.76
CA THR B 29 13.16 -13.89 1.73
C THR B 29 14.40 -13.04 2.04
N GLU B 30 14.78 -12.14 1.13
CA GLU B 30 15.89 -11.23 1.40
C GLU B 30 15.50 -10.21 2.45
N PRO B 31 16.47 -9.75 3.25
CA PRO B 31 16.20 -8.69 4.21
C PRO B 31 16.04 -7.33 3.53
N VAL B 32 15.47 -6.39 4.25
CA VAL B 32 15.36 -5.01 3.80
C VAL B 32 16.74 -4.50 3.35
N GLN B 33 16.72 -3.65 2.34
CA GLN B 33 17.92 -3.11 1.67
C GLN B 33 19.01 -2.67 2.64
N GLY B 34 20.19 -3.25 2.48
CA GLY B 34 21.36 -2.87 3.26
C GLY B 34 21.41 -3.39 4.70
N CYS B 35 20.55 -4.35 5.02
CA CYS B 35 20.48 -4.92 6.37
C CYS B 35 20.83 -6.40 6.36
N ARG B 36 21.41 -6.89 7.44
CA ARG B 36 21.92 -8.26 7.49
C ARG B 36 21.06 -9.17 8.36
N ASP B 37 20.87 -10.38 7.86
CA ASP B 37 20.33 -11.49 8.64
C ASP B 37 21.46 -12.19 9.37
N PHE B 38 21.15 -12.72 10.56
CA PHE B 38 22.13 -13.53 11.30
C PHE B 38 21.54 -14.89 11.66
N PRO B 39 21.48 -15.81 10.68
CA PRO B 39 21.15 -17.20 11.03
C PRO B 39 22.26 -17.75 11.91
N PRO B 40 22.06 -18.94 12.51
CA PRO B 40 22.97 -19.41 13.56
C PRO B 40 24.45 -19.34 13.22
N GLU B 41 24.79 -19.77 12.02
CA GLU B 41 26.19 -19.75 11.55
C GLU B 41 26.76 -18.34 11.64
N ALA B 42 26.09 -17.38 11.01
CA ALA B 42 26.50 -15.98 11.06
C ALA B 42 26.40 -15.44 12.48
N MET B 43 25.41 -15.89 13.27
CA MET B 43 25.31 -15.41 14.66
C MET B 43 26.49 -15.84 15.54
N ARG B 44 27.06 -17.03 15.28
CA ARG B 44 28.18 -17.50 16.10
C ARG B 44 29.42 -16.62 15.91
N CYS B 45 29.59 -16.10 14.71
CA CYS B 45 30.70 -15.21 14.40
C CYS B 45 30.53 -13.86 15.10
N ARG B 46 29.35 -13.28 14.96
CA ARG B 46 28.99 -12.06 15.70
C ARG B 46 29.19 -12.23 17.20
N ARG B 47 28.75 -13.38 17.71
CA ARG B 47 28.84 -13.70 19.15
C ARG B 47 30.29 -13.79 19.62
N HIS B 48 31.12 -14.43 18.81
CA HIS B 48 32.55 -14.53 19.07
C HIS B 48 33.17 -13.12 19.15
N LEU B 49 32.71 -12.21 18.31
CA LEU B 49 33.21 -10.85 18.33
C LEU B 49 32.71 -10.11 19.58
N PHE B 50 31.40 -10.19 19.82
CA PHE B 50 30.82 -9.48 20.96
C PHE B 50 31.33 -10.03 22.29
N ASP B 51 31.63 -11.32 22.36
CA ASP B 51 32.19 -11.89 23.58
C ASP B 51 33.49 -11.17 23.94
N VAL B 52 34.30 -10.88 22.93
CA VAL B 52 35.55 -10.15 23.17
C VAL B 52 35.26 -8.74 23.64
N PHE B 53 34.32 -8.03 22.99
CA PHE B 53 33.98 -6.66 23.38
C PHE B 53 33.51 -6.61 24.83
N HIS B 54 32.61 -7.53 25.20
CA HIS B 54 32.15 -7.65 26.58
C HIS B 54 33.25 -8.01 27.56
N ALA B 55 34.07 -8.99 27.21
CA ALA B 55 35.12 -9.46 28.11
C ALA B 55 36.15 -8.35 28.29
N THR B 56 36.49 -7.65 27.20
CA THR B 56 37.43 -6.53 27.28
C THR B 56 36.90 -5.39 28.17
N ALA B 57 35.63 -5.06 28.01
CA ALA B 57 35.00 -4.05 28.86
C ALA B 57 35.08 -4.44 30.34
N LYS B 58 34.79 -5.69 30.62
CA LYS B 58 34.86 -6.21 31.99
C LYS B 58 36.29 -6.16 32.53
N THR B 59 37.23 -6.61 31.73
CA THR B 59 38.63 -6.56 32.11
C THR B 59 39.05 -5.13 32.45
N PHE B 60 38.51 -4.16 31.73
CA PHE B 60 38.89 -2.76 31.90
C PHE B 60 37.98 -2.00 32.87
N GLY B 61 36.97 -2.67 33.42
CA GLY B 61 36.10 -2.10 34.44
C GLY B 61 35.03 -1.14 33.96
N PHE B 62 34.62 -1.29 32.70
CA PHE B 62 33.55 -0.45 32.11
C PHE B 62 32.18 -1.07 32.39
N GLU B 63 31.16 -0.24 32.56
CA GLU B 63 29.79 -0.70 32.87
C GLU B 63 28.93 -0.61 31.65
N GLU B 64 28.08 -1.61 31.45
CA GLU B 64 27.20 -1.60 30.32
C GLU B 64 26.01 -0.65 30.46
N TYR B 65 25.62 -0.06 29.33
CA TYR B 65 24.40 0.72 29.25
C TYR B 65 23.76 0.51 27.89
N ASP B 66 22.57 1.03 27.72
CA ASP B 66 21.87 1.00 26.45
C ASP B 66 20.85 2.12 26.45
N ALA B 67 20.36 2.46 25.25
CA ALA B 67 19.36 3.49 25.10
C ALA B 67 18.61 3.19 23.81
N PRO B 68 17.49 3.91 23.56
CA PRO B 68 16.69 3.53 22.41
C PRO B 68 17.39 3.81 21.09
N VAL B 69 17.20 2.91 20.12
CA VAL B 69 17.73 3.08 18.78
C VAL B 69 17.06 4.28 18.09
N LEU B 70 15.83 4.57 18.50
CA LEU B 70 15.08 5.72 18.05
C LEU B 70 15.36 6.92 18.96
N GLU B 71 15.93 7.99 18.39
CA GLU B 71 16.18 9.23 19.13
C GLU B 71 15.58 10.41 18.38
N SER B 72 15.44 11.54 19.06
CA SER B 72 15.02 12.79 18.41
C SER B 72 16.08 13.23 17.42
N GLU B 73 15.65 13.71 16.25
CA GLU B 73 16.55 14.21 15.21
C GLU B 73 17.37 15.40 15.71
N GLU B 74 16.79 16.22 16.58
CA GLU B 74 17.47 17.37 17.18
C GLU B 74 18.80 17.01 17.82
N LEU B 75 18.93 15.76 18.25
CA LEU B 75 20.10 15.29 18.93
C LEU B 75 21.34 15.32 18.02
N TYR B 76 21.12 15.23 16.71
CA TYR B 76 22.22 15.16 15.74
C TYR B 76 22.48 16.41 14.87
N ILE B 77 21.75 17.49 15.14
CA ILE B 77 21.90 18.71 14.33
C ILE B 77 23.08 19.53 14.83
N ARG B 78 24.27 19.23 14.29
CA ARG B 78 25.50 19.90 14.73
C ARG B 78 26.02 20.95 13.76
N LYS B 79 25.52 20.93 12.53
CA LYS B 79 25.75 22.02 11.57
C LYS B 79 27.23 22.23 11.16
N ALA B 80 28.00 21.14 11.09
CA ALA B 80 29.39 21.21 10.65
C ALA B 80 29.64 20.52 9.32
N GLY B 81 28.58 20.08 8.64
CA GLY B 81 28.71 19.34 7.39
C GLY B 81 29.31 17.95 7.55
N GLU B 82 29.08 17.32 8.70
CA GLU B 82 29.60 15.98 8.95
C GLU B 82 28.98 14.97 8.01
N GLU B 83 29.77 13.96 7.67
CA GLU B 83 29.30 12.86 6.84
C GLU B 83 28.19 12.12 7.58
N ILE B 84 28.34 12.00 8.89
CA ILE B 84 27.39 11.25 9.71
C ILE B 84 26.01 11.90 9.77
N THR B 85 25.95 13.24 9.79
CA THR B 85 24.68 13.96 9.81
C THR B 85 24.10 14.12 8.39
N GLU B 86 24.98 14.08 7.38
CA GLU B 86 24.56 14.00 5.99
C GLU B 86 23.83 12.70 5.67
N GLN B 87 24.19 11.61 6.34
CA GLN B 87 23.68 10.28 6.00
C GLN B 87 22.76 9.71 7.10
N MET B 88 21.96 10.57 7.72
CA MET B 88 21.01 10.18 8.75
C MET B 88 19.82 9.40 8.18
N PHE B 89 19.45 8.32 8.88
CA PHE B 89 18.24 7.55 8.60
C PHE B 89 17.14 8.17 9.45
N ASN B 90 16.47 9.18 8.91
CA ASN B 90 15.44 9.89 9.67
C ASN B 90 14.05 9.79 9.06
N PHE B 91 13.04 9.98 9.89
CA PHE B 91 11.66 9.98 9.43
C PHE B 91 10.73 10.71 10.40
N ILE B 92 9.53 10.98 9.94
CA ILE B 92 8.53 11.72 10.70
C ILE B 92 7.49 10.74 11.23
N THR B 93 7.28 10.77 12.54
CA THR B 93 6.29 9.92 13.19
C THR B 93 4.88 10.31 12.80
N LYS B 94 3.95 9.37 12.95
CA LYS B 94 2.51 9.67 12.87
C LYS B 94 2.19 10.53 14.09
N GLY B 95 2.18 11.84 13.91
CA GLY B 95 2.18 12.75 15.05
C GLY B 95 3.09 13.94 14.82
N GLY B 96 4.03 13.79 13.89
CA GLY B 96 4.77 14.93 13.35
C GLY B 96 6.07 15.23 14.08
N HIS B 97 6.66 14.22 14.72
CA HIS B 97 7.91 14.41 15.44
C HIS B 97 9.08 13.91 14.59
N ARG B 98 10.12 14.74 14.53
CA ARG B 98 11.31 14.44 13.75
C ARG B 98 12.21 13.50 14.59
N VAL B 99 12.26 12.22 14.19
CA VAL B 99 13.09 11.22 14.88
C VAL B 99 14.10 10.61 13.91
N ALA B 100 15.01 9.82 14.46
CA ALA B 100 16.00 9.13 13.64
C ALA B 100 16.45 7.83 14.29
N LEU B 101 16.80 6.86 13.45
CA LEU B 101 17.57 5.70 13.91
C LEU B 101 19.01 6.19 14.08
N ARG B 102 19.50 6.09 15.29
CA ARG B 102 20.77 6.69 15.67
C ARG B 102 21.87 6.34 14.66
N PRO B 103 22.61 7.36 14.18
CA PRO B 103 23.80 7.10 13.38
C PRO B 103 25.03 6.79 14.22
N GLU B 104 24.97 7.13 15.51
CA GLU B 104 26.07 6.90 16.44
C GLU B 104 25.49 6.94 17.85
N MET B 105 26.29 6.51 18.81
CA MET B 105 25.82 6.37 20.19
C MET B 105 26.17 7.57 21.06
N THR B 106 27.22 8.31 20.69
CA THR B 106 27.80 9.29 21.60
C THR B 106 26.79 10.34 22.08
N PRO B 107 25.90 10.82 21.18
CA PRO B 107 24.90 11.78 21.63
C PRO B 107 23.87 11.20 22.60
N SER B 108 23.54 9.92 22.43
CA SER B 108 22.67 9.23 23.37
C SER B 108 23.33 9.15 24.76
N LEU B 109 24.60 8.78 24.78
CA LEU B 109 25.40 8.80 26.01
C LEU B 109 25.35 10.18 26.68
N ALA B 110 25.62 11.24 25.91
CA ALA B 110 25.61 12.59 26.48
C ALA B 110 24.24 12.91 27.08
N ARG B 111 23.17 12.49 26.41
CA ARG B 111 21.80 12.73 26.88
C ARG B 111 21.62 12.09 28.25
N LEU B 112 21.97 10.82 28.35
CA LEU B 112 21.92 10.09 29.62
C LEU B 112 22.76 10.81 30.67
N LEU B 113 23.99 11.16 30.32
CA LEU B 113 24.88 11.83 31.27
C LEU B 113 24.31 13.15 31.75
N LEU B 114 23.80 13.95 30.82
CA LEU B 114 23.16 15.22 31.14
C LEU B 114 21.89 15.02 31.96
N GLY B 115 21.17 13.93 31.70
CA GLY B 115 19.97 13.60 32.47
C GLY B 115 20.30 13.32 33.93
N LYS B 116 21.38 12.58 34.17
CA LYS B 116 21.78 12.29 35.56
C LYS B 116 22.29 13.53 36.27
N GLY B 117 23.08 14.33 35.57
CA GLY B 117 23.62 15.57 36.14
C GLY B 117 24.45 15.29 37.37
N ARG B 118 24.04 15.85 38.50
CA ARG B 118 24.82 15.82 39.76
C ARG B 118 24.86 14.44 40.41
N SER B 119 23.83 13.65 40.18
CA SER B 119 23.73 12.31 40.73
C SER B 119 24.75 11.30 40.17
N LEU B 120 25.35 11.59 39.01
CA LEU B 120 26.31 10.65 38.43
C LEU B 120 27.66 10.82 39.11
N LEU B 121 28.17 9.71 39.65
CA LEU B 121 29.44 9.71 40.33
C LEU B 121 30.53 9.56 39.27
N LEU B 122 31.54 10.42 39.38
CA LEU B 122 32.62 10.49 38.40
C LEU B 122 33.92 10.09 39.10
N PRO B 123 34.83 9.42 38.40
CA PRO B 123 34.70 9.09 36.96
C PRO B 123 33.73 7.96 36.66
N ALA B 124 33.20 7.94 35.45
CA ALA B 124 32.34 6.87 34.98
C ALA B 124 32.90 6.30 33.68
N LYS B 125 32.87 4.98 33.57
CA LYS B 125 33.37 4.28 32.39
C LYS B 125 32.24 3.39 31.88
N TRP B 126 31.63 3.81 30.78
CA TRP B 126 30.43 3.17 30.28
C TRP B 126 30.68 2.59 28.89
N TYR B 127 30.10 1.42 28.62
CA TYR B 127 30.19 0.83 27.29
C TYR B 127 28.86 0.28 26.81
N SER B 128 28.77 0.08 25.49
CA SER B 128 27.57 -0.50 24.89
CA SER B 128 27.58 -0.47 24.88
C SER B 128 27.95 -1.05 23.52
N ILE B 129 27.05 -1.83 22.94
CA ILE B 129 27.25 -2.42 21.61
C ILE B 129 26.00 -2.20 20.76
N PRO B 130 25.65 -0.93 20.50
CA PRO B 130 24.46 -0.58 19.75
C PRO B 130 24.56 -0.84 18.27
N GLN B 131 23.44 -1.24 17.67
CA GLN B 131 23.28 -1.17 16.24
C GLN B 131 23.07 0.30 15.88
N CYS B 132 23.82 0.79 14.91
CA CYS B 132 23.64 2.15 14.43
C CYS B 132 23.35 2.13 12.94
N TRP B 133 22.74 3.21 12.47
CA TRP B 133 22.10 3.26 11.16
C TRP B 133 22.56 4.42 10.29
N ARG B 134 22.38 4.25 8.99
CA ARG B 134 22.63 5.30 8.04
C ARG B 134 21.78 5.08 6.78
N TYR B 135 21.56 6.17 6.07
CA TYR B 135 20.88 6.15 4.78
C TYR B 135 21.73 6.94 3.79
N GLU B 136 22.09 6.33 2.67
CA GLU B 136 22.95 6.97 1.67
C GLU B 136 22.20 7.28 0.39
N ARG B 142 25.24 -0.60 -0.55
CA ARG B 142 25.96 -0.21 0.66
C ARG B 142 25.18 -0.60 1.91
N ARG B 143 25.92 -1.01 2.94
CA ARG B 143 25.34 -1.32 4.25
C ARG B 143 24.68 -0.09 4.87
N ARG B 144 23.48 -0.28 5.41
CA ARG B 144 22.76 0.79 6.09
C ARG B 144 22.75 0.60 7.61
N GLU B 145 23.51 -0.37 8.08
CA GLU B 145 23.37 -0.81 9.43
C GLU B 145 24.64 -1.53 9.86
N HIS B 146 25.11 -1.21 11.06
CA HIS B 146 26.23 -1.95 11.66
C HIS B 146 26.11 -1.93 13.17
N TYR B 147 26.84 -2.83 13.82
CA TYR B 147 27.00 -2.77 15.26
C TYR B 147 28.32 -2.10 15.58
N GLN B 148 28.32 -1.34 16.66
CA GLN B 148 29.46 -0.53 17.00
C GLN B 148 29.68 -0.56 18.49
N TRP B 149 30.77 -1.17 18.90
CA TRP B 149 31.19 -1.17 20.29
C TRP B 149 31.58 0.24 20.66
N ASN B 150 30.97 0.77 21.71
CA ASN B 150 31.32 2.08 22.22
C ASN B 150 31.89 1.93 23.62
N MET B 151 33.02 2.61 23.84
CA MET B 151 33.67 2.70 25.15
C MET B 151 33.94 4.17 25.41
N ASP B 152 33.49 4.69 26.54
CA ASP B 152 33.72 6.09 26.88
C ASP B 152 34.09 6.26 28.35
N ILE B 153 35.01 7.20 28.61
CA ILE B 153 35.38 7.60 29.96
C ILE B 153 34.97 9.04 30.25
N VAL B 154 34.27 9.25 31.36
CA VAL B 154 33.63 10.52 31.68
C VAL B 154 34.19 11.06 32.98
N GLY B 155 34.58 12.33 32.99
CA GLY B 155 35.07 13.00 34.20
C GLY B 155 36.57 12.93 34.47
N VAL B 156 37.35 12.50 33.47
CA VAL B 156 38.80 12.40 33.57
C VAL B 156 39.43 13.40 32.60
N LYS B 157 40.11 14.39 33.18
CA LYS B 157 40.74 15.47 32.45
C LYS B 157 41.99 15.04 31.72
N SER B 158 42.74 14.11 32.32
CA SER B 158 44.07 13.81 31.84
C SER B 158 44.11 12.70 30.78
N VAL B 159 45.22 12.65 30.06
CA VAL B 159 45.42 11.69 28.96
C VAL B 159 45.37 10.20 29.37
N SER B 160 45.44 9.90 30.65
CA SER B 160 45.25 8.52 31.12
C SER B 160 43.93 7.91 30.59
N ALA B 161 42.91 8.75 30.40
CA ALA B 161 41.65 8.29 29.78
C ALA B 161 41.91 7.76 28.37
N GLU B 162 42.60 8.57 27.56
CA GLU B 162 42.93 8.18 26.19
C GLU B 162 43.82 6.95 26.15
N VAL B 163 44.78 6.89 27.07
CA VAL B 163 45.63 5.71 27.20
C VAL B 163 44.78 4.43 27.42
N GLU B 164 43.97 4.42 28.45
CA GLU B 164 43.11 3.26 28.71
C GLU B 164 42.23 2.87 27.51
N LEU B 165 41.63 3.87 26.87
CA LEU B 165 40.73 3.64 25.74
C LEU B 165 41.48 2.96 24.60
N VAL B 166 42.64 3.51 24.25
CA VAL B 166 43.50 2.94 23.21
C VAL B 166 43.97 1.56 23.59
N CYS B 167 44.41 1.38 24.84
CA CYS B 167 44.81 0.06 25.31
C CYS B 167 43.64 -0.93 25.24
N ALA B 168 42.42 -0.49 25.56
CA ALA B 168 41.23 -1.38 25.45
C ALA B 168 40.98 -1.86 24.02
N ALA B 169 41.15 -0.98 23.07
CA ALA B 169 40.98 -1.34 21.67
C ALA B 169 42.04 -2.35 21.23
N CYS B 170 43.29 -2.14 21.64
CA CYS B 170 44.36 -3.08 21.32
C CYS B 170 44.10 -4.44 21.94
N TRP B 171 43.72 -4.43 23.21
CA TRP B 171 43.36 -5.64 23.96
C TRP B 171 42.31 -6.49 23.22
N ALA B 172 41.26 -5.83 22.72
CA ALA B 172 40.21 -6.52 21.97
C ALA B 172 40.77 -7.18 20.72
N MET B 173 41.58 -6.43 19.97
CA MET B 173 42.18 -6.98 18.75
C MET B 173 43.14 -8.13 19.07
N ARG B 174 43.95 -7.97 20.12
CA ARG B 174 44.82 -9.03 20.58
C ARG B 174 44.02 -10.28 20.96
N SER B 175 42.90 -10.07 21.64
CA SER B 175 42.07 -11.18 22.10
C SER B 175 41.52 -11.99 20.95
N LEU B 176 41.23 -11.32 19.83
CA LEU B 176 40.75 -11.97 18.60
C LEU B 176 41.84 -12.69 17.80
N GLY B 177 43.09 -12.59 18.24
CA GLY B 177 44.21 -13.27 17.60
C GLY B 177 45.15 -12.38 16.79
N LEU B 178 44.85 -11.08 16.70
CA LEU B 178 45.72 -10.16 15.95
C LEU B 178 46.94 -9.74 16.77
N SER B 179 48.00 -9.35 16.08
CA SER B 179 49.23 -8.85 16.74
C SER B 179 49.57 -7.43 16.31
N SER B 180 50.60 -6.86 16.92
CA SER B 180 51.05 -5.52 16.55
C SER B 180 51.68 -5.51 15.15
N LYS B 181 52.04 -6.68 14.64
CA LYS B 181 52.43 -6.82 13.23
C LYS B 181 51.23 -6.71 12.26
N ASP B 182 50.03 -7.00 12.74
CA ASP B 182 48.85 -6.96 11.89
C ASP B 182 48.17 -5.59 11.88
N VAL B 183 48.12 -4.95 13.06
CA VAL B 183 47.37 -3.73 13.25
C VAL B 183 48.13 -2.72 14.10
N GLY B 184 47.66 -1.48 14.06
CA GLY B 184 48.13 -0.42 14.94
C GLY B 184 47.09 0.66 15.17
N ILE B 185 47.40 1.61 16.05
CA ILE B 185 46.56 2.78 16.31
C ILE B 185 47.37 4.05 16.02
N LYS B 186 46.90 4.84 15.05
CA LYS B 186 47.48 6.14 14.75
C LYS B 186 46.93 7.16 15.72
N VAL B 187 47.81 7.96 16.31
CA VAL B 187 47.42 8.91 17.37
C VAL B 187 47.89 10.35 17.06
N ASN B 188 47.01 11.32 17.33
CA ASN B 188 47.28 12.73 17.06
C ASN B 188 46.50 13.58 18.07
N SER B 189 46.77 14.89 18.11
CA SER B 189 45.91 15.84 18.82
C SER B 189 45.42 16.95 17.89
N ARG B 190 44.14 17.28 17.99
CA ARG B 190 43.55 18.39 17.23
C ARG B 190 44.00 19.76 17.71
N LYS B 191 44.61 19.82 18.89
CA LYS B 191 45.12 21.07 19.44
C LYS B 191 46.21 21.72 18.60
N VAL B 192 47.01 20.90 17.91
CA VAL B 192 48.06 21.41 17.02
C VAL B 192 47.39 22.23 15.91
N LEU B 193 46.45 21.60 15.22
CA LEU B 193 45.72 22.25 14.13
C LEU B 193 44.93 23.48 14.61
N GLN B 194 44.38 23.39 15.83
CA GLN B 194 43.67 24.50 16.45
C GLN B 194 44.54 25.74 16.55
N THR B 195 45.74 25.55 17.10
CA THR B 195 46.69 26.67 17.24
C THR B 195 47.02 27.30 15.90
N VAL B 196 47.27 26.46 14.89
CA VAL B 196 47.61 26.97 13.56
C VAL B 196 46.45 27.80 12.99
N VAL B 197 45.26 27.22 13.02
CA VAL B 197 44.03 27.87 12.58
C VAL B 197 43.78 29.17 13.37
N GLU B 198 43.94 29.10 14.68
CA GLU B 198 43.73 30.25 15.57
C GLU B 198 44.72 31.40 15.31
N GLN B 199 45.98 31.06 15.01
CA GLN B 199 47.00 32.08 14.70
C GLN B 199 46.73 32.84 13.40
N ALA B 200 45.92 32.25 12.52
CA ALA B 200 45.48 32.92 11.29
C ALA B 200 44.25 33.83 11.49
N GLY B 201 43.79 33.98 12.74
CA GLY B 201 42.65 34.84 13.04
C GLY B 201 41.31 34.21 12.71
N VAL B 202 41.29 32.89 12.56
CA VAL B 202 40.08 32.17 12.19
C VAL B 202 39.16 32.01 13.40
N THR B 203 37.91 32.39 13.23
CA THR B 203 36.92 32.34 14.30
C THR B 203 36.80 30.90 14.86
N SER B 204 36.74 30.81 16.18
CA SER B 204 36.68 29.55 16.91
C SER B 204 35.54 28.62 16.46
N ASP B 205 34.41 29.21 16.08
CA ASP B 205 33.26 28.43 15.61
C ASP B 205 33.50 27.77 14.25
N LYS B 206 34.61 28.11 13.58
CA LYS B 206 34.99 27.50 12.30
C LYS B 206 35.89 26.25 12.44
N PHE B 207 36.35 25.94 13.65
CA PHE B 207 37.34 24.88 13.85
C PHE B 207 36.78 23.47 13.55
N ALA B 208 35.55 23.21 13.97
CA ALA B 208 34.89 21.94 13.70
C ALA B 208 34.69 21.68 12.19
N PRO B 209 34.11 22.65 11.46
CA PRO B 209 34.05 22.48 9.99
C PRO B 209 35.42 22.25 9.34
N VAL B 210 36.44 23.00 9.76
CA VAL B 210 37.81 22.79 9.25
C VAL B 210 38.26 21.35 9.47
N CYS B 211 38.00 20.82 10.66
CA CYS B 211 38.34 19.43 10.96
C CYS B 211 37.55 18.45 10.07
N VAL B 212 36.26 18.70 9.87
CA VAL B 212 35.42 17.83 9.04
C VAL B 212 35.97 17.83 7.60
N ILE B 213 36.48 18.97 7.15
CA ILE B 213 37.03 19.10 5.80
C ILE B 213 38.41 18.46 5.67
N VAL B 214 39.33 18.85 6.54
CA VAL B 214 40.69 18.30 6.56
C VAL B 214 40.70 16.78 6.72
N ASP B 215 39.71 16.22 7.42
CA ASP B 215 39.49 14.78 7.46
C ASP B 215 39.45 14.16 6.06
N LYS B 216 38.90 14.88 5.09
CA LYS B 216 38.88 14.44 3.69
C LYS B 216 40.14 14.87 2.97
N GLU B 226 40.98 21.61 -0.46
CA GLU B 226 41.59 22.86 -0.93
C GLU B 226 40.52 23.92 -1.24
N ALA B 227 39.52 23.51 -2.03
CA ALA B 227 38.41 24.38 -2.39
C ALA B 227 37.42 24.59 -1.25
N GLN B 228 37.18 23.54 -0.46
CA GLN B 228 36.20 23.58 0.62
C GLN B 228 36.59 24.50 1.79
N LEU B 229 37.89 24.60 2.08
CA LEU B 229 38.36 25.50 3.16
C LEU B 229 38.16 26.98 2.80
N ALA B 230 38.42 27.34 1.55
CA ALA B 230 38.18 28.70 1.05
C ALA B 230 36.73 29.13 1.28
N VAL B 231 35.81 28.20 1.04
CA VAL B 231 34.38 28.43 1.24
C VAL B 231 34.03 28.65 2.71
N LEU B 232 34.69 27.91 3.60
CA LEU B 232 34.53 28.14 5.04
C LEU B 232 35.04 29.54 5.42
N GLY B 233 36.06 30.01 4.69
CA GLY B 233 36.55 31.40 4.79
C GLY B 233 38.05 31.54 4.99
N LEU B 234 38.82 30.53 4.58
CA LEU B 234 40.27 30.52 4.77
C LEU B 234 40.98 30.83 3.45
N GLU B 235 41.95 31.74 3.51
CA GLU B 235 42.75 32.11 2.33
C GLU B 235 43.84 31.06 2.08
N PRO B 236 44.58 31.19 0.96
CA PRO B 236 45.63 30.23 0.57
C PRO B 236 46.77 29.98 1.59
N THR B 237 47.26 31.02 2.26
CA THR B 237 48.39 30.88 3.20
C THR B 237 48.02 30.06 4.43
N VAL B 238 46.75 30.16 4.83
CA VAL B 238 46.23 29.42 5.97
C VAL B 238 46.12 27.92 5.62
N VAL B 239 45.72 27.64 4.39
CA VAL B 239 45.62 26.26 3.88
C VAL B 239 47.03 25.65 3.76
N ASP B 240 47.97 26.46 3.28
CA ASP B 240 49.39 26.10 3.22
C ASP B 240 49.88 25.61 4.58
N ALA B 241 49.61 26.40 5.61
CA ALA B 241 50.05 26.10 6.96
C ALA B 241 49.41 24.81 7.48
N ILE B 242 48.10 24.65 7.26
CA ILE B 242 47.39 23.43 7.66
C ILE B 242 48.08 22.19 7.08
N THR B 243 48.26 22.17 5.76
CA THR B 243 48.83 21.02 5.05
C THR B 243 50.25 20.70 5.52
N THR B 244 51.06 21.74 5.73
CA THR B 244 52.45 21.57 6.16
C THR B 244 52.54 20.83 7.49
N THR B 245 51.73 21.23 8.47
CA THR B 245 51.80 20.66 9.82
C THR B 245 51.26 19.23 9.88
N LEU B 246 50.19 18.96 9.12
CA LEU B 246 49.64 17.61 8.99
C LEU B 246 50.61 16.64 8.29
N SER B 247 51.59 17.18 7.55
CA SER B 247 52.60 16.36 6.89
C SER B 247 53.85 16.12 7.74
N LEU B 248 53.93 16.75 8.91
CA LEU B 248 55.06 16.55 9.83
C LEU B 248 54.98 15.13 10.39
N LYS B 249 56.12 14.45 10.41
CA LYS B 249 56.15 13.00 10.64
C LYS B 249 56.53 12.58 12.06
N SER B 250 56.79 13.53 12.95
CA SER B 250 57.17 13.21 14.32
C SER B 250 56.75 14.29 15.33
N ILE B 251 56.69 13.91 16.59
CA ILE B 251 56.35 14.84 17.67
C ILE B 251 57.44 15.93 17.83
N ASP B 252 58.70 15.55 17.65
CA ASP B 252 59.78 16.54 17.69
C ASP B 252 59.60 17.62 16.65
N GLU B 253 59.15 17.25 15.45
CA GLU B 253 58.90 18.23 14.39
C GLU B 253 57.71 19.14 14.73
N ILE B 254 56.71 18.60 15.43
CA ILE B 254 55.60 19.41 15.94
C ILE B 254 56.10 20.42 16.99
N ALA B 255 56.98 19.96 17.88
CA ALA B 255 57.54 20.81 18.92
C ALA B 255 58.33 22.00 18.33
N GLN B 256 59.08 21.76 17.26
CA GLN B 256 59.81 22.83 16.58
C GLN B 256 58.88 23.94 16.08
N ARG B 257 57.69 23.55 15.63
CA ARG B 257 56.75 24.51 15.06
C ARG B 257 55.93 25.24 16.13
N VAL B 258 55.40 24.52 17.13
CA VAL B 258 54.50 25.14 18.13
C VAL B 258 55.07 25.24 19.55
N GLY B 259 56.28 24.71 19.75
CA GLY B 259 56.92 24.72 21.06
C GLY B 259 56.74 23.41 21.81
N GLU B 260 57.75 23.07 22.60
CA GLU B 260 57.76 21.85 23.41
C GLU B 260 56.78 21.96 24.61
N GLU B 261 56.41 23.19 25.00
CA GLU B 261 55.49 23.48 26.10
C GLU B 261 54.04 23.46 25.69
N HIS B 262 53.82 23.42 24.38
CA HIS B 262 52.48 23.36 23.85
C HIS B 262 51.71 22.13 24.37
N GLU B 263 50.45 22.35 24.71
CA GLU B 263 49.61 21.31 25.35
C GLU B 263 49.66 19.99 24.63
N ALA B 264 49.44 20.04 23.31
CA ALA B 264 49.47 18.86 22.47
C ALA B 264 50.76 18.05 22.61
N VAL B 265 51.90 18.74 22.66
CA VAL B 265 53.19 18.05 22.77
C VAL B 265 53.31 17.33 24.12
N LYS B 266 53.03 18.03 25.21
CA LYS B 266 53.09 17.45 26.56
C LYS B 266 52.12 16.28 26.70
N GLU B 267 50.91 16.45 26.18
CA GLU B 267 49.90 15.39 26.29
C GLU B 267 50.25 14.16 25.46
N LEU B 268 50.74 14.36 24.24
CA LEU B 268 51.12 13.22 23.38
C LEU B 268 52.31 12.46 23.97
N ARG B 269 53.28 13.19 24.51
CA ARG B 269 54.42 12.53 25.17
C ARG B 269 53.96 11.70 26.38
N GLN B 270 53.14 12.29 27.25
CA GLN B 270 52.53 11.55 28.37
C GLN B 270 51.78 10.30 27.88
N PHE B 271 50.95 10.49 26.85
CA PHE B 271 50.21 9.39 26.27
C PHE B 271 51.12 8.23 25.84
N PHE B 272 52.17 8.53 25.09
CA PHE B 272 53.05 7.46 24.59
C PHE B 272 53.86 6.81 25.69
N GLU B 273 54.25 7.60 26.69
CA GLU B 273 54.94 7.06 27.86
C GLU B 273 54.06 6.05 28.60
N GLN B 274 52.78 6.37 28.78
CA GLN B 274 51.86 5.48 29.51
C GLN B 274 51.55 4.18 28.77
N VAL B 275 51.30 4.28 27.46
CA VAL B 275 51.05 3.08 26.66
C VAL B 275 52.29 2.15 26.63
N GLU B 276 53.47 2.75 26.54
CA GLU B 276 54.72 2.00 26.64
C GLU B 276 54.79 1.26 27.98
N ALA B 277 54.50 1.99 29.06
CA ALA B 277 54.54 1.43 30.40
C ALA B 277 53.55 0.26 30.61
N TYR B 278 52.37 0.37 29.99
CA TYR B 278 51.36 -0.68 30.02
C TYR B 278 51.78 -1.88 29.14
N GLY B 279 52.70 -1.67 28.21
CA GLY B 279 53.29 -2.75 27.42
C GLY B 279 52.74 -2.87 26.01
N TYR B 280 52.10 -1.81 25.52
CA TYR B 280 51.49 -1.83 24.19
C TYR B 280 52.13 -0.81 23.25
N GLY B 281 53.40 -0.46 23.51
CA GLY B 281 54.13 0.53 22.71
C GLY B 281 54.28 0.17 21.23
N ASP B 282 54.42 -1.11 20.94
CA ASP B 282 54.48 -1.57 19.55
C ASP B 282 53.16 -1.37 18.79
N TRP B 283 52.06 -1.19 19.51
CA TRP B 283 50.74 -1.06 18.89
C TRP B 283 50.38 0.36 18.48
N VAL B 284 51.11 1.35 18.98
CA VAL B 284 50.72 2.74 18.79
C VAL B 284 51.83 3.55 18.12
N LEU B 285 51.42 4.60 17.42
CA LEU B 285 52.35 5.50 16.77
C LEU B 285 51.71 6.86 16.52
N PHE B 286 52.56 7.86 16.28
CA PHE B 286 52.12 9.21 15.97
C PHE B 286 51.83 9.39 14.48
N ASP B 287 50.70 10.02 14.18
CA ASP B 287 50.37 10.40 12.80
C ASP B 287 49.63 11.74 12.80
N ALA B 288 50.32 12.79 12.35
CA ALA B 288 49.80 14.16 12.36
C ALA B 288 48.63 14.42 11.39
N SER B 289 48.32 13.48 10.50
CA SER B 289 47.20 13.67 9.56
C SER B 289 45.87 13.11 10.09
N VAL B 290 45.89 12.51 11.28
CA VAL B 290 44.66 11.96 11.86
C VAL B 290 43.87 13.02 12.61
N VAL B 291 42.66 13.30 12.10
CA VAL B 291 41.76 14.26 12.74
C VAL B 291 40.38 13.69 13.09
N ARG B 292 39.95 12.67 12.34
CA ARG B 292 38.59 12.12 12.44
C ARG B 292 37.54 13.08 11.84
N GLY B 293 36.38 12.52 11.52
CA GLY B 293 35.34 13.24 10.80
C GLY B 293 34.27 13.92 11.64
N LEU B 294 34.36 13.77 12.95
CA LEU B 294 33.31 14.27 13.85
C LEU B 294 33.59 15.66 14.37
N ALA B 295 32.51 16.41 14.56
CA ALA B 295 32.61 17.82 14.95
C ALA B 295 33.26 17.99 16.31
N TYR B 296 32.97 17.09 17.23
CA TYR B 296 33.10 17.37 18.67
C TYR B 296 34.44 17.04 19.33
N TYR B 297 35.36 16.40 18.64
CA TYR B 297 36.69 16.14 19.22
C TYR B 297 37.47 17.44 19.44
N THR B 298 38.08 17.54 20.63
CA THR B 298 38.83 18.74 21.05
C THR B 298 40.31 18.50 21.28
N GLY B 299 40.71 17.28 21.55
CA GLY B 299 42.08 16.98 21.96
C GLY B 299 42.62 15.80 21.18
N ILE B 300 43.19 14.85 21.90
CA ILE B 300 43.69 13.64 21.26
C ILE B 300 42.64 12.94 20.42
N VAL B 301 43.03 12.50 19.22
CA VAL B 301 42.19 11.65 18.40
C VAL B 301 43.01 10.46 17.91
N PHE B 302 42.33 9.36 17.61
CA PHE B 302 43.03 8.14 17.21
C PHE B 302 42.18 7.24 16.32
N GLU B 303 42.85 6.35 15.58
CA GLU B 303 42.17 5.35 14.77
C GLU B 303 43.01 4.10 14.52
N GLY B 304 42.34 2.97 14.50
CA GLY B 304 42.99 1.69 14.30
C GLY B 304 43.07 1.40 12.82
N PHE B 305 44.10 0.67 12.43
CA PHE B 305 44.30 0.37 11.01
C PHE B 305 45.06 -0.93 10.83
N ASP B 306 44.84 -1.57 9.69
CA ASP B 306 45.63 -2.76 9.33
C ASP B 306 46.92 -2.29 8.65
N ARG B 307 48.04 -2.88 9.06
CA ARG B 307 49.35 -2.48 8.55
C ARG B 307 49.64 -2.95 7.11
N GLU B 308 48.67 -3.56 6.45
CA GLU B 308 48.79 -3.88 5.03
C GLU B 308 48.13 -2.83 4.15
N GLY B 309 47.44 -1.86 4.74
CA GLY B 309 46.77 -0.79 4.00
C GLY B 309 45.64 -1.27 3.12
N LYS B 310 44.98 -2.36 3.53
CA LYS B 310 43.89 -2.95 2.78
C LYS B 310 42.50 -2.48 3.16
N PHE B 311 42.32 -2.11 4.43
CA PHE B 311 40.99 -1.86 4.95
C PHE B 311 40.79 -0.44 5.44
N ARG B 312 39.53 -0.05 5.57
CA ARG B 312 39.15 1.21 6.22
C ARG B 312 39.48 1.11 7.71
N ALA B 313 39.26 2.19 8.44
CA ALA B 313 39.56 2.22 9.87
C ALA B 313 38.82 1.12 10.66
N LEU B 314 39.54 0.47 11.58
CA LEU B 314 38.98 -0.58 12.43
C LEU B 314 38.23 0.00 13.60
N CYS B 315 38.70 1.15 14.08
CA CYS B 315 38.05 1.86 15.14
C CYS B 315 38.53 3.31 15.12
N GLY B 316 37.83 4.18 15.86
CA GLY B 316 38.14 5.59 15.87
C GLY B 316 37.57 6.29 17.08
N GLY B 317 38.32 7.25 17.61
CA GLY B 317 37.87 7.95 18.79
C GLY B 317 38.71 9.15 19.13
N GLY B 318 38.53 9.66 20.35
CA GLY B 318 39.18 10.87 20.79
C GLY B 318 38.50 11.52 21.98
N ARG B 319 39.07 12.65 22.41
CA ARG B 319 38.56 13.42 23.53
C ARG B 319 37.57 14.45 23.01
N TYR B 320 36.47 14.62 23.73
CA TYR B 320 35.44 15.60 23.35
C TYR B 320 34.94 16.32 24.59
N ASP B 321 35.74 17.30 25.03
CA ASP B 321 35.50 17.97 26.31
C ASP B 321 34.42 19.02 26.29
N ASN B 322 34.00 19.47 25.11
CA ASN B 322 32.97 20.50 25.02
C ASN B 322 31.54 20.00 24.75
N LEU B 323 31.38 18.73 24.39
CA LEU B 323 30.08 18.23 23.94
C LEU B 323 28.95 18.49 24.93
N LEU B 324 29.19 18.18 26.19
CA LEU B 324 28.16 18.33 27.20
C LEU B 324 27.86 19.78 27.52
N THR B 325 28.84 20.65 27.36
CA THR B 325 28.59 22.08 27.44
C THR B 325 27.64 22.55 26.33
N THR B 326 27.82 22.04 25.11
CA THR B 326 26.93 22.41 24.00
C THR B 326 25.50 21.88 24.18
N TYR B 327 25.36 20.75 24.88
CA TYR B 327 24.03 20.21 25.22
C TYR B 327 23.36 20.97 26.36
N GLY B 328 24.11 21.84 27.02
CA GLY B 328 23.59 22.69 28.08
C GLY B 328 24.00 22.32 29.50
N SER B 329 25.01 21.48 29.66
CA SER B 329 25.55 21.23 31.00
C SER B 329 26.02 22.54 31.61
N PRO B 330 25.61 22.83 32.86
CA PRO B 330 26.07 24.07 33.50
C PRO B 330 27.55 24.03 33.87
N THR B 331 28.12 22.83 33.95
CA THR B 331 29.55 22.68 34.18
C THR B 331 30.18 21.85 33.04
N PRO B 332 31.39 22.23 32.61
CA PRO B 332 32.08 21.39 31.62
C PRO B 332 32.31 19.97 32.11
N ILE B 333 32.13 18.99 31.23
CA ILE B 333 32.33 17.59 31.59
C ILE B 333 33.31 16.97 30.62
N PRO B 334 34.52 16.63 31.10
CA PRO B 334 35.49 16.00 30.23
C PRO B 334 34.99 14.64 29.79
N CYS B 335 35.21 14.29 28.54
CA CYS B 335 34.87 12.97 28.01
C CYS B 335 35.89 12.57 26.96
N ALA B 336 36.06 11.27 26.81
CA ALA B 336 36.83 10.68 25.72
C ALA B 336 36.27 9.29 25.46
N GLY B 337 36.37 8.82 24.22
CA GLY B 337 35.87 7.50 23.89
C GLY B 337 36.18 7.08 22.47
N PHE B 338 35.74 5.87 22.12
CA PHE B 338 35.85 5.39 20.75
C PHE B 338 34.67 4.51 20.33
N GLY B 339 34.56 4.35 19.01
CA GLY B 339 33.68 3.40 18.37
C GLY B 339 34.51 2.39 17.60
N PHE B 340 33.98 1.18 17.46
CA PHE B 340 34.70 0.06 16.91
C PHE B 340 33.63 -0.80 16.23
N GLY B 341 33.57 -0.71 14.90
CA GLY B 341 32.51 -1.34 14.14
C GLY B 341 32.66 -2.84 14.04
N ASP B 342 31.59 -3.51 13.65
CA ASP B 342 31.58 -4.97 13.58
C ASP B 342 31.91 -5.54 12.18
N CYS B 343 32.08 -4.68 11.18
CA CYS B 343 32.24 -5.16 9.82
C CYS B 343 33.70 -5.18 9.34
N VAL B 344 34.46 -4.11 9.54
CA VAL B 344 35.84 -4.08 9.05
C VAL B 344 36.73 -5.10 9.77
N ILE B 345 36.62 -5.16 11.10
CA ILE B 345 37.33 -6.18 11.89
C ILE B 345 37.11 -7.60 11.39
N VAL B 346 35.88 -7.93 11.00
CA VAL B 346 35.56 -9.29 10.56
C VAL B 346 36.24 -9.57 9.23
N GLU B 347 36.21 -8.60 8.32
CA GLU B 347 36.98 -8.66 7.07
C GLU B 347 38.45 -8.94 7.35
N LEU B 348 39.05 -8.18 8.26
CA LEU B 348 40.44 -8.36 8.60
C LEU B 348 40.70 -9.76 9.19
N LEU B 349 39.85 -10.17 10.12
CA LEU B 349 39.99 -11.49 10.72
C LEU B 349 39.84 -12.63 9.69
N GLN B 350 38.96 -12.47 8.71
CA GLN B 350 38.81 -13.44 7.61
C GLN B 350 40.06 -13.53 6.75
N GLU B 351 40.61 -12.37 6.36
CA GLU B 351 41.88 -12.31 5.62
C GLU B 351 43.03 -13.01 6.36
N LYS B 352 43.13 -12.76 7.67
CA LYS B 352 44.20 -13.33 8.50
C LYS B 352 43.91 -14.78 8.94
N ARG B 353 42.77 -15.33 8.52
CA ARG B 353 42.38 -16.71 8.84
C ARG B 353 42.15 -16.93 10.33
N LEU B 354 41.57 -15.91 11.00
CA LEU B 354 41.30 -15.98 12.44
C LEU B 354 39.82 -16.19 12.74
N LEU B 355 39.01 -16.50 11.73
CA LEU B 355 37.59 -16.76 11.92
C LEU B 355 37.18 -18.12 11.39
N PRO B 356 37.78 -19.18 11.94
CA PRO B 356 37.29 -20.51 11.53
C PRO B 356 35.84 -20.66 12.00
N ASP B 357 35.04 -21.39 11.23
CA ASP B 357 33.68 -21.68 11.66
C ASP B 357 33.78 -22.51 12.93
N ILE B 358 33.14 -22.04 14.00
CA ILE B 358 33.00 -22.86 15.22
C ILE B 358 31.61 -23.51 15.17
N PRO B 359 31.54 -24.83 14.96
CA PRO B 359 30.20 -25.42 14.85
C PRO B 359 29.47 -25.44 16.18
N HIS B 360 28.14 -25.50 16.13
CA HIS B 360 27.35 -25.62 17.36
C HIS B 360 27.75 -26.86 18.14
N VAL B 361 27.72 -26.75 19.46
CA VAL B 361 28.04 -27.85 20.36
C VAL B 361 26.99 -27.94 21.45
N VAL B 362 26.82 -29.15 21.97
CA VAL B 362 25.96 -29.45 23.10
C VAL B 362 26.65 -30.61 23.85
N ASP B 363 26.47 -30.72 25.16
CA ASP B 363 27.18 -31.76 25.91
C ASP B 363 26.58 -33.14 25.63
N ASP B 364 25.26 -33.27 25.78
CA ASP B 364 24.59 -34.57 25.72
C ASP B 364 23.40 -34.59 24.79
N VAL B 365 23.23 -35.71 24.09
CA VAL B 365 21.98 -35.96 23.39
C VAL B 365 21.39 -37.24 23.96
N VAL B 366 20.22 -37.09 24.56
CA VAL B 366 19.47 -38.18 25.14
C VAL B 366 18.60 -38.84 24.07
N ILE B 367 18.74 -40.15 23.94
CA ILE B 367 18.05 -40.91 22.89
C ILE B 367 17.16 -41.97 23.51
N PRO B 368 15.84 -41.82 23.39
CA PRO B 368 14.95 -42.90 23.82
C PRO B 368 15.06 -44.07 22.86
N PHE B 369 15.23 -45.28 23.37
CA PHE B 369 15.31 -46.46 22.52
C PHE B 369 14.06 -46.58 21.64
N ASP B 370 12.91 -46.26 22.20
CA ASP B 370 11.67 -46.15 21.44
C ASP B 370 10.73 -45.24 22.23
N GLU B 371 9.49 -45.08 21.75
CA GLU B 371 8.56 -44.12 22.38
C GLU B 371 8.17 -44.49 23.81
N SER B 372 8.14 -45.78 24.13
CA SER B 372 7.83 -46.20 25.49
C SER B 372 8.91 -45.80 26.52
N MET B 373 10.10 -45.44 26.04
CA MET B 373 11.19 -44.97 26.91
C MET B 373 11.29 -43.44 27.04
N ARG B 374 10.38 -42.72 26.37
CA ARG B 374 10.40 -41.26 26.42
C ARG B 374 10.24 -40.70 27.84
N PRO B 375 9.28 -41.21 28.62
CA PRO B 375 9.15 -40.71 29.98
C PRO B 375 10.43 -40.85 30.79
N HIS B 376 11.05 -42.04 30.75
CA HIS B 376 12.30 -42.26 31.47
C HIS B 376 13.41 -41.35 30.92
N ALA B 377 13.46 -41.18 29.60
CA ALA B 377 14.46 -40.33 28.95
C ALA B 377 14.36 -38.88 29.37
N LEU B 378 13.12 -38.44 29.61
CA LEU B 378 12.89 -37.08 30.09
C LEU B 378 13.41 -36.91 31.52
N ALA B 379 13.24 -37.93 32.34
CA ALA B 379 13.79 -37.91 33.70
C ALA B 379 15.32 -37.78 33.64
N VAL B 380 15.95 -38.52 32.73
CA VAL B 380 17.39 -38.42 32.51
C VAL B 380 17.76 -37.00 32.04
N LEU B 381 17.05 -36.51 31.02
CA LEU B 381 17.27 -35.16 30.50
C LEU B 381 17.22 -34.11 31.60
N ARG B 382 16.21 -34.19 32.46
CA ARG B 382 16.08 -33.29 33.60
C ARG B 382 17.36 -33.28 34.45
N ARG B 383 17.83 -34.47 34.82
CA ARG B 383 19.03 -34.63 35.65
C ARG B 383 20.26 -33.96 35.04
N LEU B 384 20.46 -34.21 33.75
CA LEU B 384 21.61 -33.67 33.04
C LEU B 384 21.58 -32.14 33.07
N ARG B 385 20.42 -31.56 32.79
CA ARG B 385 20.25 -30.11 32.81
C ARG B 385 20.37 -29.52 34.22
N ASP B 386 19.86 -30.21 35.23
CA ASP B 386 20.01 -29.75 36.64
C ASP B 386 21.48 -29.63 37.05
N ALA B 387 22.32 -30.48 36.46
CA ALA B 387 23.75 -30.53 36.78
C ALA B 387 24.58 -29.49 36.02
N GLY B 388 23.93 -28.67 35.19
CA GLY B 388 24.60 -27.59 34.46
C GLY B 388 25.07 -28.01 33.08
N ARG B 389 24.55 -29.14 32.59
CA ARG B 389 24.92 -29.60 31.27
C ARG B 389 23.95 -29.11 30.20
N SER B 390 24.47 -28.91 29.00
CA SER B 390 23.64 -28.59 27.84
C SER B 390 23.24 -29.92 27.22
N ALA B 391 21.93 -30.14 27.05
CA ALA B 391 21.43 -31.43 26.57
C ALA B 391 20.19 -31.30 25.72
N ASP B 392 20.18 -32.06 24.62
CA ASP B 392 18.98 -32.27 23.83
C ASP B 392 18.37 -33.63 24.15
N ILE B 393 17.08 -33.75 23.89
CA ILE B 393 16.44 -35.04 23.74
C ILE B 393 15.86 -35.14 22.33
N ILE B 394 15.96 -36.33 21.73
CA ILE B 394 15.43 -36.55 20.39
C ILE B 394 13.93 -36.35 20.51
N LEU B 395 13.43 -35.32 19.82
CA LEU B 395 12.04 -34.89 19.97
C LEU B 395 11.04 -35.75 19.20
N ASP B 396 11.31 -36.03 17.93
CA ASP B 396 10.38 -36.85 17.12
C ASP B 396 10.73 -38.35 17.20
N LYS B 397 9.91 -39.17 16.57
CA LYS B 397 10.07 -40.61 16.57
C LYS B 397 11.10 -40.98 15.52
N LYS B 398 12.21 -41.58 15.94
CA LYS B 398 13.18 -42.09 14.96
C LYS B 398 14.03 -43.24 15.48
N LYS B 399 14.71 -43.91 14.56
CA LYS B 399 15.54 -45.05 14.91
C LYS B 399 16.86 -44.58 15.48
N VAL B 400 17.45 -45.43 16.31
CA VAL B 400 18.64 -45.09 17.11
C VAL B 400 19.79 -44.56 16.27
N VAL B 401 20.09 -45.25 15.16
CA VAL B 401 21.18 -44.84 14.27
C VAL B 401 20.96 -43.45 13.65
N GLN B 402 19.71 -43.12 13.30
CA GLN B 402 19.38 -41.77 12.83
C GLN B 402 19.51 -40.76 13.97
N ALA B 403 19.10 -41.14 15.18
CA ALA B 403 19.26 -40.27 16.36
C ALA B 403 20.73 -39.97 16.63
N PHE B 404 21.55 -40.99 16.40
CA PHE B 404 22.98 -40.87 16.56
C PHE B 404 23.60 -39.95 15.53
N ASN B 405 23.10 -40.02 14.30
CA ASN B 405 23.55 -39.12 13.25
C ASN B 405 23.22 -37.67 13.62
N TYR B 406 21.99 -37.43 14.05
CA TYR B 406 21.57 -36.10 14.47
C TYR B 406 22.48 -35.59 15.59
N ALA B 407 22.82 -36.47 16.53
CA ALA B 407 23.76 -36.14 17.59
C ALA B 407 25.08 -35.61 17.03
N ASP B 408 25.63 -36.32 16.04
CA ASP B 408 26.85 -35.87 15.40
C ASP B 408 26.69 -34.51 14.72
N ARG B 409 25.59 -34.32 14.00
CA ARG B 409 25.34 -33.07 13.26
C ARG B 409 25.27 -31.85 14.19
N VAL B 410 24.68 -32.01 15.36
CA VAL B 410 24.59 -30.91 16.33
C VAL B 410 25.81 -30.81 17.25
N GLY B 411 26.80 -31.66 17.04
CA GLY B 411 28.08 -31.55 17.71
C GLY B 411 28.05 -31.98 19.17
N ALA B 412 27.31 -33.04 19.46
CA ALA B 412 27.23 -33.57 20.81
C ALA B 412 28.54 -34.22 21.20
N VAL B 413 28.92 -34.03 22.47
CA VAL B 413 30.12 -34.66 23.02
C VAL B 413 29.78 -36.08 23.42
N ARG B 414 28.52 -36.33 23.75
CA ARG B 414 28.13 -37.60 24.36
C ARG B 414 26.70 -37.96 24.00
N ALA B 415 26.47 -39.24 23.69
CA ALA B 415 25.13 -39.75 23.40
C ALA B 415 24.66 -40.69 24.49
N VAL B 416 23.47 -40.42 25.03
CA VAL B 416 22.92 -41.15 26.16
C VAL B 416 21.69 -41.90 25.69
N LEU B 417 21.85 -43.21 25.50
CA LEU B 417 20.77 -44.07 25.01
C LEU B 417 20.01 -44.65 26.22
N VAL B 418 18.71 -44.44 26.24
CA VAL B 418 17.84 -44.90 27.33
C VAL B 418 17.03 -46.09 26.83
N ALA B 419 17.52 -47.30 27.14
CA ALA B 419 16.91 -48.55 26.67
C ALA B 419 16.27 -49.35 27.80
N PRO B 420 15.23 -50.14 27.49
CA PRO B 420 14.52 -50.90 28.53
C PRO B 420 15.40 -51.78 29.39
N GLU B 421 16.31 -52.55 28.80
CA GLU B 421 17.11 -53.52 29.57
C GLU B 421 18.08 -52.80 30.53
N GLU B 422 18.73 -51.73 30.07
CA GLU B 422 19.63 -50.94 30.93
C GLU B 422 18.84 -50.28 32.07
N TRP B 423 17.68 -49.74 31.74
CA TRP B 423 16.84 -49.05 32.70
C TRP B 423 16.49 -49.90 33.92
N GLU B 424 16.07 -51.15 33.68
CA GLU B 424 15.75 -52.09 34.77
C GLU B 424 16.94 -52.27 35.72
N ARG B 425 18.15 -52.18 35.18
CA ARG B 425 19.38 -52.26 35.97
C ARG B 425 19.80 -50.91 36.58
N GLY B 426 18.94 -49.89 36.50
CA GLY B 426 19.28 -48.55 36.99
C GLY B 426 20.38 -47.90 36.18
N GLU B 427 20.41 -48.17 34.88
CA GLU B 427 21.49 -47.71 34.01
C GLU B 427 20.98 -47.16 32.67
N VAL B 428 21.89 -46.45 31.98
CA VAL B 428 21.72 -46.06 30.58
C VAL B 428 23.00 -46.41 29.84
N GLN B 429 22.95 -46.37 28.51
CA GLN B 429 24.16 -46.56 27.70
C GLN B 429 24.73 -45.22 27.27
N VAL B 430 26.03 -45.05 27.46
CA VAL B 430 26.74 -43.83 27.12
C VAL B 430 27.78 -44.11 26.04
N LYS B 431 27.85 -43.23 25.04
CA LYS B 431 28.75 -43.39 23.91
C LYS B 431 29.42 -42.04 23.66
N MET B 432 30.74 -41.98 23.78
CA MET B 432 31.51 -40.74 23.60
C MET B 432 31.75 -40.48 22.12
N LEU B 433 31.49 -39.25 21.67
CA LEU B 433 31.52 -38.92 20.24
C LEU B 433 32.70 -38.04 19.79
N ARG B 434 33.38 -37.39 20.72
CA ARG B 434 34.42 -36.41 20.38
C ARG B 434 35.63 -36.57 21.29
N GLY B 447 30.76 -47.74 23.38
CA GLY B 447 29.50 -47.84 24.09
C GLY B 447 29.60 -48.69 25.35
N PHE B 448 29.02 -48.21 26.45
CA PHE B 448 28.96 -48.98 27.71
C PHE B 448 27.91 -48.45 28.67
N ALA B 449 27.52 -49.29 29.64
CA ALA B 449 26.47 -48.97 30.61
C ALA B 449 26.99 -48.07 31.73
N VAL B 450 26.13 -47.18 32.23
CA VAL B 450 26.47 -46.25 33.30
C VAL B 450 25.29 -46.09 34.26
N PRO B 451 25.55 -46.11 35.57
CA PRO B 451 24.47 -45.86 36.53
C PRO B 451 23.90 -44.44 36.43
N LEU B 452 22.59 -44.32 36.57
CA LEU B 452 21.90 -43.02 36.54
C LEU B 452 22.57 -41.96 37.41
N ASP B 453 22.97 -42.34 38.62
CA ASP B 453 23.56 -41.40 39.56
C ASP B 453 24.94 -40.87 39.13
N ARG B 454 25.66 -41.64 38.32
CA ARG B 454 27.03 -41.28 37.95
C ARG B 454 27.19 -40.69 36.55
N LEU B 455 26.09 -40.28 35.92
CA LEU B 455 26.14 -39.58 34.63
C LEU B 455 26.70 -38.17 34.74
N VAL B 456 26.44 -37.51 35.86
CA VAL B 456 26.76 -36.09 36.04
C VAL B 456 27.92 -35.87 37.01
N HIS C . -33.60 13.09 -20.17
CA HIS C . -32.24 12.89 -20.70
C HIS C . -32.31 12.39 -22.12
O HIS C . -33.35 11.87 -22.54
CB HIS C . -31.47 11.90 -19.85
CG HIS C . -31.43 12.27 -18.39
ND1 HIS C . -30.72 13.35 -17.93
CD2 HIS C . -32.05 11.73 -17.31
CE1 HIS C . -30.87 13.44 -16.62
NE2 HIS C . -31.67 12.47 -16.22
OXT HIS C . -31.34 12.46 -22.85
N1 PZH D . -39.32 7.07 -28.46
N1 PZH D . -32.07 8.60 -27.38
CB PZH D . -38.51 6.52 -29.56
CB PZH D . -32.42 8.02 -28.68
CG PZH D . -37.07 6.82 -29.38
CG PZH D . -33.90 7.72 -28.83
CD1 PZH D . -36.10 5.94 -29.86
CD1 PZH D . -34.36 6.53 -29.39
CE1 PZH D . -34.76 6.20 -29.69
CE1 PZH D . -35.72 6.27 -29.51
CZ PZH D . -34.38 7.36 -29.05
CZ PZH D . -36.62 7.20 -29.06
CE2 PZH D . -35.32 8.26 -28.57
CE2 PZH D . -36.19 8.40 -28.50
CD2 PZH D . -36.66 7.97 -28.74
CD2 PZH D . -34.84 8.64 -28.40
BR PZH D . -32.53 7.73 -28.82
BR PZH D . -38.48 6.84 -29.17
S DMS E . -20.47 -6.97 -12.89
O DMS E . -21.50 -7.62 -12.03
C1 DMS E . -20.17 -5.40 -12.30
C2 DMS E . -18.95 -7.71 -12.60
S DMS F . -40.56 24.96 -19.13
O DMS F . -40.82 25.42 -17.75
C1 DMS F . -39.70 23.49 -19.06
C2 DMS F . -42.02 24.39 -19.78
C1 EDO G . -61.25 15.98 -20.66
O1 EDO G . -60.82 16.60 -19.45
C2 EDO G . -60.08 15.97 -21.64
O2 EDO G . -59.36 17.19 -21.45
S SO4 H . -32.23 3.79 -27.85
O1 SO4 H . -32.14 3.88 -29.33
O2 SO4 H . -33.58 3.33 -27.45
O3 SO4 H . -31.93 5.11 -27.25
O4 SO4 H . -31.23 2.82 -27.35
S SO4 I . -41.38 -3.63 -14.89
O1 SO4 I . -41.47 -4.77 -13.95
O2 SO4 I . -41.96 -3.99 -16.19
O3 SO4 I . -39.95 -3.24 -15.06
O4 SO4 I . -42.15 -2.50 -14.32
S SO4 J . -12.96 -4.20 -17.15
O1 SO4 J . -13.70 -4.31 -18.42
O2 SO4 J . -12.42 -5.55 -16.86
O3 SO4 J . -11.86 -3.22 -17.27
O4 SO4 J . -13.84 -3.73 -16.03
N HIS K . 30.91 8.44 17.93
CA HIS K . 32.25 8.13 17.35
C HIS K . 32.14 7.57 15.96
O HIS K . 31.10 7.03 15.57
CB HIS K . 32.99 7.15 18.23
CG HIS K . 33.11 7.63 19.63
ND1 HIS K . 33.78 8.78 19.95
CD2 HIS K . 32.60 7.16 20.79
CE1 HIS K . 33.70 8.99 21.26
NE2 HIS K . 33.00 8.00 21.79
OXT HIS K . 33.15 7.65 15.24
N1 PZH L . 25.53 2.75 10.07
N1 PZH L . 32.28 3.69 10.78
CB PZH L . 26.21 1.89 9.11
CB PZH L . 31.91 3.28 9.41
CG PZH L . 27.69 2.13 9.14
CG PZH L . 30.47 2.85 9.27
CD1 PZH L . 28.20 3.31 9.65
CD1 PZH L . 30.11 1.58 8.81
CE1 PZH L . 29.56 3.51 9.75
CE1 PZH L . 28.78 1.22 8.70
CZ PZH L . 30.42 2.53 9.34
CZ PZH L . 27.81 2.12 9.05
CE2 PZH L . 29.94 1.35 8.80
CE2 PZH L . 28.12 3.37 9.52
CD2 PZH L . 28.58 1.16 8.71
CD2 PZH L . 29.46 3.73 9.62
BR PZH L . 32.29 2.77 9.54
BR PZH L . 25.98 1.61 8.89
S DMS M . 45.07 -11.51 25.39
O DMS M . 45.05 -10.13 24.82
C1 DMS M . 43.49 -11.96 25.86
C2 DMS M . 45.36 -12.66 24.17
S DMS N . 23.68 19.64 19.10
O DMS N . 23.32 18.57 18.15
C1 DMS N . 22.96 19.30 20.62
C2 DMS N . 25.35 19.54 19.49
S DMS O . 30.92 -45.36 36.26
O DMS O . 30.72 -44.43 35.13
C1 DMS O . 29.91 -44.91 37.56
C2 DMS O . 30.35 -46.92 35.85
S DMS P . 32.06 24.44 5.42
O DMS P . 31.70 23.07 4.92
C1 DMS P . 31.96 25.55 4.12
C2 DMS P . 30.91 25.04 6.50
C1 EDO Q . 3.48 10.48 19.18
O1 EDO Q . 3.51 11.90 19.23
C2 EDO Q . 4.06 9.96 17.87
O2 EDO Q . 4.46 11.08 17.08
S SO4 R . 52.29 -8.23 20.26
O1 SO4 R . 52.78 -9.59 20.56
O2 SO4 R . 51.37 -8.29 19.11
O3 SO4 R . 53.41 -7.33 19.93
O4 SO4 R . 51.62 -7.64 21.44
S SO4 S . 32.38 -1.07 10.30
O1 SO4 S . 31.10 -1.68 10.74
O2 SO4 S . 32.48 -1.03 8.82
O3 SO4 S . 33.51 -1.87 10.81
O4 SO4 S . 32.40 0.30 10.84
#